data_7KRK
#
_entry.id   7KRK
#
_cell.length_a   189.522
_cell.length_b   189.522
_cell.length_c   71.382
_cell.angle_alpha   90.000
_cell.angle_beta   90.000
_cell.angle_gamma   120.000
#
_symmetry.space_group_name_H-M   'H 3'
#
loop_
_entity.id
_entity.type
_entity.pdbx_description
1 polymer '3-oxoacyl-[acyl-carrier-protein] reductase'
2 non-polymer GLYCEROL
3 water water
#
_entity_poly.entity_id   1
_entity_poly.type   'polypeptide(L)'
_entity_poly.pdbx_seq_one_letter_code
;SMLLQGKVALITGAASERGIGRATAEIFAQQGAKVIIVDLDLAQSQNAAKALGEGHMGLAANVANEEQVKAAVEQALQHY
GKIDILINNAGITQPIKTLDIQRSDYDRVLDVSLRGTLIMSQAVIPSMKANGGGSIVCLSSVSAQRGGGIFGGPHYSAAK
AGVLGLAKAMAREFGGDQIRVNSLTPGLIQTDITGGLMNDDRRHDILAGIPLGRLGKAQDVANAALFLASDLSAYLTGVT
LDVNGGMLIH
;
_entity_poly.pdbx_strand_id   A,B,C,D
#
# COMPACT_ATOMS: atom_id res chain seq x y z
N MET A 2 -10.63 2.76 -32.12
CA MET A 2 -11.57 1.85 -31.41
C MET A 2 -10.79 0.87 -30.53
N LEU A 3 -10.72 1.19 -29.23
CA LEU A 3 -9.84 0.47 -28.32
C LEU A 3 -10.25 -0.98 -28.13
N LEU A 4 -11.52 -1.32 -28.33
CA LEU A 4 -12.02 -2.67 -28.12
C LEU A 4 -12.57 -3.28 -29.41
N GLN A 5 -12.07 -2.85 -30.56
CA GLN A 5 -12.59 -3.33 -31.82
C GLN A 5 -12.44 -4.85 -31.92
N GLY A 6 -13.54 -5.52 -32.27
CA GLY A 6 -13.54 -6.96 -32.44
C GLY A 6 -13.60 -7.75 -31.15
N LYS A 7 -13.65 -7.09 -30.00
CA LYS A 7 -13.63 -7.79 -28.72
C LYS A 7 -15.06 -8.09 -28.25
N VAL A 8 -15.16 -9.09 -27.38
CA VAL A 8 -16.42 -9.48 -26.75
C VAL A 8 -16.23 -9.34 -25.24
N ALA A 9 -17.12 -8.59 -24.60
CA ALA A 9 -17.02 -8.31 -23.17
C ALA A 9 -18.30 -8.73 -22.47
N LEU A 10 -18.16 -9.44 -21.35
CA LEU A 10 -19.27 -9.80 -20.49
C LEU A 10 -19.21 -8.93 -19.24
N ILE A 11 -20.32 -8.26 -18.93
CA ILE A 11 -20.39 -7.33 -17.81
C ILE A 11 -21.57 -7.75 -16.93
N THR A 12 -21.30 -8.06 -15.67
CA THR A 12 -22.36 -8.42 -14.75
C THR A 12 -22.92 -7.18 -14.07
N GLY A 13 -24.19 -7.25 -13.70
CA GLY A 13 -24.84 -6.16 -12.98
C GLY A 13 -25.00 -4.89 -13.78
N ALA A 14 -25.17 -5.00 -15.11
CA ALA A 14 -25.19 -3.84 -15.98
C ALA A 14 -26.57 -3.54 -16.56
N ALA A 15 -27.63 -4.14 -16.01
CA ALA A 15 -28.97 -3.91 -16.54
C ALA A 15 -29.54 -2.56 -16.14
N SER A 16 -29.22 -2.06 -14.96
CA SER A 16 -29.79 -0.80 -14.49
C SER A 16 -29.23 0.36 -15.29
N GLU A 17 -30.11 1.33 -15.60
CA GLU A 17 -29.75 2.39 -16.53
C GLU A 17 -28.64 3.29 -16.00
N ARG A 18 -28.68 3.62 -14.70
CA ARG A 18 -27.79 4.62 -14.13
C ARG A 18 -26.59 4.02 -13.42
N GLY A 19 -26.35 2.71 -13.54
CA GLY A 19 -25.28 2.08 -12.81
C GLY A 19 -23.93 2.14 -13.51
N ILE A 20 -22.89 1.80 -12.75
CA ILE A 20 -21.55 1.70 -13.32
C ILE A 20 -21.51 0.64 -14.41
N GLY A 21 -22.23 -0.46 -14.22
CA GLY A 21 -22.23 -1.52 -15.22
C GLY A 21 -22.73 -1.04 -16.57
N ARG A 22 -23.87 -0.35 -16.57
CA ARG A 22 -24.42 0.13 -17.83
C ARG A 22 -23.51 1.17 -18.47
N ALA A 23 -22.95 2.07 -17.66
CA ALA A 23 -22.02 3.06 -18.20
C ALA A 23 -20.82 2.38 -18.85
N THR A 24 -20.33 1.31 -18.23
CA THR A 24 -19.23 0.55 -18.81
C THR A 24 -19.65 -0.14 -20.11
N ALA A 25 -20.86 -0.71 -20.12
CA ALA A 25 -21.37 -1.32 -21.35
C ALA A 25 -21.45 -0.30 -22.47
N GLU A 26 -21.97 0.89 -22.18
CA GLU A 26 -22.10 1.93 -23.20
C GLU A 26 -20.73 2.31 -23.76
N ILE A 27 -19.76 2.58 -22.89
CA ILE A 27 -18.44 2.98 -23.35
C ILE A 27 -17.75 1.85 -24.09
N PHE A 28 -17.91 0.61 -23.61
CA PHE A 28 -17.32 -0.52 -24.32
C PHE A 28 -17.91 -0.66 -25.71
N ALA A 29 -19.23 -0.51 -25.84
CA ALA A 29 -19.86 -0.58 -27.16
C ALA A 29 -19.38 0.57 -28.05
N GLN A 30 -19.27 1.78 -27.49
CA GLN A 30 -18.73 2.90 -28.25
C GLN A 30 -17.34 2.59 -28.79
N GLN A 31 -16.55 1.81 -28.05
CA GLN A 31 -15.20 1.47 -28.44
C GLN A 31 -15.10 0.19 -29.27
N GLY A 32 -16.23 -0.31 -29.78
CA GLY A 32 -16.23 -1.38 -30.76
C GLY A 32 -16.48 -2.77 -30.21
N ALA A 33 -16.68 -2.93 -28.92
CA ALA A 33 -16.90 -4.25 -28.35
C ALA A 33 -18.35 -4.67 -28.52
N LYS A 34 -18.57 -5.98 -28.59
CA LYS A 34 -19.89 -6.56 -28.39
C LYS A 34 -20.01 -6.94 -26.92
N VAL A 35 -21.14 -6.59 -26.31
CA VAL A 35 -21.31 -6.66 -24.87
C VAL A 35 -22.37 -7.68 -24.53
N ILE A 36 -22.07 -8.53 -23.55
CA ILE A 36 -23.04 -9.44 -22.96
C ILE A 36 -23.36 -8.88 -21.57
N ILE A 37 -24.58 -8.43 -21.38
CA ILE A 37 -25.04 -7.95 -20.08
C ILE A 37 -25.66 -9.12 -19.34
N VAL A 38 -25.14 -9.41 -18.15
CA VAL A 38 -25.66 -10.49 -17.30
C VAL A 38 -26.18 -9.84 -16.02
N ASP A 39 -27.46 -10.04 -15.73
CA ASP A 39 -28.06 -9.49 -14.52
C ASP A 39 -29.19 -10.42 -14.10
N LEU A 40 -29.88 -10.04 -13.01
CA LEU A 40 -30.88 -10.92 -12.42
C LEU A 40 -32.07 -11.13 -13.35
N ASP A 41 -32.54 -10.07 -14.00
CA ASP A 41 -33.78 -10.11 -14.76
C ASP A 41 -33.46 -10.16 -16.26
N LEU A 42 -33.95 -11.22 -16.93
CA LEU A 42 -33.67 -11.38 -18.35
C LEU A 42 -34.22 -10.21 -19.17
N ALA A 43 -35.47 -9.82 -18.91
CA ALA A 43 -36.08 -8.74 -19.67
C ALA A 43 -35.27 -7.46 -19.54
N GLN A 44 -34.89 -7.10 -18.31
CA GLN A 44 -34.09 -5.89 -18.11
C GLN A 44 -32.75 -5.99 -18.81
N SER A 45 -32.11 -7.17 -18.76
CA SER A 45 -30.80 -7.33 -19.38
C SER A 45 -30.92 -7.25 -20.90
N GLN A 46 -31.94 -7.89 -21.47
CA GLN A 46 -32.14 -7.84 -22.92
C GLN A 46 -32.43 -6.44 -23.39
N ASN A 47 -33.26 -5.69 -22.64
CA ASN A 47 -33.57 -4.32 -23.02
C ASN A 47 -32.33 -3.44 -22.93
N ALA A 48 -31.49 -3.67 -21.91
CA ALA A 48 -30.25 -2.91 -21.79
C ALA A 48 -29.32 -3.19 -22.96
N ALA A 49 -29.16 -4.47 -23.33
CA ALA A 49 -28.31 -4.81 -24.46
C ALA A 49 -28.86 -4.19 -25.75
N LYS A 50 -30.18 -4.23 -25.92
CA LYS A 50 -30.79 -3.63 -27.11
C LYS A 50 -30.52 -2.13 -27.17
N ALA A 51 -30.47 -1.47 -26.00
CA ALA A 51 -30.23 -0.03 -25.98
C ALA A 51 -28.79 0.30 -26.39
N LEU A 52 -27.85 -0.62 -26.19
CA LEU A 52 -26.47 -0.37 -26.55
C LEU A 52 -26.31 -0.20 -28.06
N GLY A 53 -27.10 -0.94 -28.82
CA GLY A 53 -27.00 -0.94 -30.26
C GLY A 53 -27.29 -2.33 -30.80
N GLU A 54 -26.59 -2.69 -31.88
CA GLU A 54 -26.80 -3.94 -32.57
C GLU A 54 -25.69 -4.93 -32.23
N GLY A 55 -26.05 -6.20 -32.11
CA GLY A 55 -25.09 -7.26 -31.92
C GLY A 55 -24.78 -7.63 -30.50
N HIS A 56 -25.46 -7.03 -29.52
CA HIS A 56 -25.20 -7.29 -28.12
C HIS A 56 -26.19 -8.34 -27.61
N MET A 57 -26.02 -8.74 -26.34
CA MET A 57 -26.79 -9.84 -25.79
C MET A 57 -27.08 -9.58 -24.31
N GLY A 58 -28.29 -9.92 -23.90
CA GLY A 58 -28.67 -9.89 -22.49
C GLY A 58 -28.99 -11.27 -21.99
N LEU A 59 -28.46 -11.62 -20.82
CA LEU A 59 -28.68 -12.92 -20.22
C LEU A 59 -28.99 -12.73 -18.75
N ALA A 60 -29.70 -13.71 -18.18
CA ALA A 60 -30.10 -13.67 -16.78
C ALA A 60 -29.26 -14.64 -15.97
N ALA A 61 -28.74 -14.17 -14.84
CA ALA A 61 -28.06 -15.06 -13.92
C ALA A 61 -27.93 -14.38 -12.56
N ASN A 62 -28.20 -15.15 -11.51
CA ASN A 62 -27.72 -14.81 -10.18
C ASN A 62 -26.27 -15.23 -10.10
N VAL A 63 -25.36 -14.27 -9.91
CA VAL A 63 -23.93 -14.58 -9.96
C VAL A 63 -23.52 -15.55 -8.87
N ALA A 64 -24.35 -15.74 -7.85
CA ALA A 64 -24.07 -16.71 -6.79
C ALA A 64 -24.68 -18.08 -7.06
N ASN A 65 -25.20 -18.31 -8.26
CA ASN A 65 -25.76 -19.60 -8.66
C ASN A 65 -24.83 -20.19 -9.72
N GLU A 66 -23.99 -21.14 -9.30
CA GLU A 66 -22.98 -21.70 -10.18
C GLU A 66 -23.57 -22.19 -11.50
N GLU A 67 -24.62 -23.01 -11.43
CA GLU A 67 -25.13 -23.63 -12.64
C GLU A 67 -25.80 -22.62 -13.57
N GLN A 68 -26.45 -21.61 -13.00
CA GLN A 68 -27.06 -20.59 -13.85
C GLN A 68 -25.99 -19.75 -14.54
N VAL A 69 -24.92 -19.41 -13.81
CA VAL A 69 -23.80 -18.68 -14.41
C VAL A 69 -23.18 -19.51 -15.54
N LYS A 70 -22.92 -20.78 -15.27
CA LYS A 70 -22.30 -21.63 -16.29
C LYS A 70 -23.17 -21.73 -17.53
N ALA A 71 -24.48 -21.85 -17.35
CA ALA A 71 -25.39 -21.94 -18.49
C ALA A 71 -25.41 -20.64 -19.28
N ALA A 72 -25.38 -19.50 -18.59
CA ALA A 72 -25.36 -18.21 -19.28
C ALA A 72 -24.08 -18.05 -20.07
N VAL A 73 -22.93 -18.38 -19.47
CA VAL A 73 -21.66 -18.25 -20.18
C VAL A 73 -21.64 -19.16 -21.40
N GLU A 74 -22.21 -20.36 -21.28
CA GLU A 74 -22.28 -21.27 -22.42
C GLU A 74 -23.09 -20.66 -23.56
N GLN A 75 -24.22 -20.03 -23.25
CA GLN A 75 -25.02 -19.37 -24.28
C GLN A 75 -24.23 -18.25 -24.94
N ALA A 76 -23.48 -17.49 -24.15
CA ALA A 76 -22.68 -16.41 -24.71
C ALA A 76 -21.58 -16.95 -25.62
N LEU A 77 -20.90 -18.01 -25.18
CA LEU A 77 -19.82 -18.58 -25.99
C LEU A 77 -20.36 -19.21 -27.27
N GLN A 78 -21.54 -19.84 -27.19
CA GLN A 78 -22.13 -20.41 -28.38
C GLN A 78 -22.41 -19.35 -29.43
N HIS A 79 -22.79 -18.15 -29.02
CA HIS A 79 -23.14 -17.10 -29.97
C HIS A 79 -21.91 -16.36 -30.46
N TYR A 80 -21.01 -15.96 -29.56
CA TYR A 80 -19.87 -15.13 -29.91
C TYR A 80 -18.59 -15.92 -30.14
N GLY A 81 -18.50 -17.15 -29.62
CA GLY A 81 -17.33 -17.98 -29.80
C GLY A 81 -16.16 -17.64 -28.90
N LYS A 82 -16.25 -16.55 -28.14
CA LYS A 82 -15.13 -16.12 -27.30
C LYS A 82 -15.67 -15.08 -26.33
N ILE A 83 -14.98 -14.96 -25.19
CA ILE A 83 -15.16 -13.83 -24.28
C ILE A 83 -13.75 -13.29 -24.01
N ASP A 84 -13.47 -12.09 -24.53
CA ASP A 84 -12.15 -11.49 -24.35
C ASP A 84 -12.03 -10.81 -23.00
N ILE A 85 -13.12 -10.25 -22.50
CA ILE A 85 -13.12 -9.35 -21.36
C ILE A 85 -14.25 -9.74 -20.42
N LEU A 86 -13.96 -9.81 -19.13
CA LEU A 86 -14.96 -10.03 -18.10
C LEU A 86 -14.88 -8.87 -17.11
N ILE A 87 -16.00 -8.18 -16.92
CA ILE A 87 -16.10 -7.11 -15.92
C ILE A 87 -17.02 -7.63 -14.82
N ASN A 88 -16.43 -7.98 -13.68
CA ASN A 88 -17.18 -8.46 -12.51
C ASN A 88 -17.71 -7.27 -11.73
N ASN A 89 -18.72 -6.62 -12.29
CA ASN A 89 -19.26 -5.40 -11.74
C ASN A 89 -20.38 -5.64 -10.73
N ALA A 90 -21.04 -6.79 -10.78
CA ALA A 90 -22.15 -7.06 -9.87
C ALA A 90 -21.69 -6.89 -8.42
N GLY A 91 -22.54 -6.24 -7.63
CA GLY A 91 -22.27 -6.03 -6.22
C GLY A 91 -23.39 -5.26 -5.57
N ILE A 92 -23.64 -5.53 -4.29
CA ILE A 92 -24.63 -4.81 -3.50
C ILE A 92 -23.96 -4.26 -2.26
N THR A 93 -24.52 -3.17 -1.74
CA THR A 93 -24.03 -2.56 -0.51
C THR A 93 -25.18 -2.47 0.49
N GLN A 94 -24.82 -2.22 1.74
CA GLN A 94 -25.78 -2.13 2.83
C GLN A 94 -25.19 -1.24 3.91
N PRO A 95 -25.85 -0.12 4.25
CA PRO A 95 -25.29 0.81 5.26
C PRO A 95 -25.67 0.42 6.68
N ILE A 96 -25.06 -0.66 7.17
CA ILE A 96 -25.26 -1.11 8.54
C ILE A 96 -23.91 -1.26 9.22
N LYS A 97 -23.89 -0.99 10.52
CA LYS A 97 -22.65 -0.98 11.28
C LYS A 97 -22.31 -2.36 11.82
N THR A 98 -21.10 -2.48 12.36
CA THR A 98 -20.53 -3.79 12.70
C THR A 98 -21.50 -4.65 13.49
N LEU A 99 -22.01 -4.13 14.61
CA LEU A 99 -22.79 -4.95 15.53
C LEU A 99 -24.16 -5.31 14.99
N ASP A 100 -24.61 -4.69 13.89
CA ASP A 100 -25.92 -4.97 13.33
C ASP A 100 -25.88 -5.93 12.16
N ILE A 101 -24.70 -6.39 11.74
CA ILE A 101 -24.58 -7.29 10.61
C ILE A 101 -25.06 -8.68 11.03
N GLN A 102 -26.16 -9.12 10.44
CA GLN A 102 -26.68 -10.46 10.68
C GLN A 102 -26.12 -11.42 9.64
N ARG A 103 -26.25 -12.71 9.93
CA ARG A 103 -25.78 -13.74 9.01
C ARG A 103 -26.32 -13.52 7.61
N SER A 104 -27.61 -13.20 7.49
CA SER A 104 -28.21 -13.02 6.17
C SER A 104 -27.65 -11.79 5.46
N ASP A 105 -27.31 -10.73 6.20
CA ASP A 105 -26.69 -9.55 5.60
C ASP A 105 -25.31 -9.90 5.06
N TYR A 106 -24.50 -10.54 5.89
CA TYR A 106 -23.18 -11.00 5.46
C TYR A 106 -23.29 -11.87 4.21
N ASP A 107 -24.19 -12.86 4.22
CA ASP A 107 -24.31 -13.78 3.10
C ASP A 107 -24.67 -13.05 1.82
N ARG A 108 -25.66 -12.16 1.89
CA ARG A 108 -26.11 -11.46 0.68
C ARG A 108 -24.99 -10.62 0.08
N VAL A 109 -24.32 -9.83 0.90
CA VAL A 109 -23.30 -8.92 0.41
C VAL A 109 -22.09 -9.69 -0.11
N LEU A 110 -21.63 -10.70 0.65
CA LEU A 110 -20.48 -11.48 0.21
C LEU A 110 -20.82 -12.29 -1.03
N ASP A 111 -22.05 -12.77 -1.14
CA ASP A 111 -22.41 -13.62 -2.27
C ASP A 111 -22.34 -12.86 -3.59
N VAL A 112 -22.88 -11.64 -3.64
CA VAL A 112 -22.93 -10.93 -4.92
C VAL A 112 -21.51 -10.53 -5.34
N SER A 113 -20.74 -9.95 -4.43
CA SER A 113 -19.42 -9.44 -4.78
C SER A 113 -18.37 -10.55 -4.84
N LEU A 114 -18.16 -11.24 -3.72
CA LEU A 114 -17.04 -12.16 -3.64
C LEU A 114 -17.35 -13.50 -4.30
N ARG A 115 -18.40 -14.18 -3.85
CA ARG A 115 -18.71 -15.47 -4.48
C ARG A 115 -19.04 -15.28 -5.95
N GLY A 116 -19.76 -14.22 -6.30
CA GLY A 116 -20.10 -13.98 -7.69
C GLY A 116 -18.88 -13.75 -8.56
N THR A 117 -17.90 -13.00 -8.05
CA THR A 117 -16.67 -12.80 -8.80
C THR A 117 -15.94 -14.13 -9.00
N LEU A 118 -15.88 -14.96 -7.97
CA LEU A 118 -15.26 -16.28 -8.11
C LEU A 118 -16.01 -17.12 -9.13
N ILE A 119 -17.33 -17.20 -9.01
CA ILE A 119 -18.11 -18.09 -9.87
C ILE A 119 -18.03 -17.64 -11.32
N MET A 120 -18.23 -16.34 -11.57
CA MET A 120 -18.20 -15.88 -12.95
C MET A 120 -16.80 -16.01 -13.54
N SER A 121 -15.77 -15.73 -12.74
CA SER A 121 -14.40 -15.93 -13.23
C SER A 121 -14.12 -17.39 -13.53
N GLN A 122 -14.54 -18.29 -12.63
CA GLN A 122 -14.39 -19.72 -12.88
C GLN A 122 -15.07 -20.12 -14.19
N ALA A 123 -16.22 -19.52 -14.48
CA ALA A 123 -16.98 -19.93 -15.67
C ALA A 123 -16.33 -19.46 -16.95
N VAL A 124 -15.60 -18.34 -16.91
CA VAL A 124 -15.07 -17.71 -18.13
C VAL A 124 -13.62 -18.10 -18.37
N ILE A 125 -12.88 -18.40 -17.29
CA ILE A 125 -11.44 -18.65 -17.42
C ILE A 125 -11.13 -19.79 -18.37
N PRO A 126 -11.83 -20.92 -18.34
CA PRO A 126 -11.47 -22.00 -19.28
C PRO A 126 -11.45 -21.57 -20.74
N SER A 127 -12.46 -20.81 -21.18
CA SER A 127 -12.47 -20.34 -22.56
C SER A 127 -11.34 -19.34 -22.81
N MET A 128 -11.01 -18.51 -21.81
CA MET A 128 -9.91 -17.57 -22.00
C MET A 128 -8.58 -18.30 -22.15
N LYS A 129 -8.37 -19.36 -21.37
CA LYS A 129 -7.18 -20.18 -21.56
C LYS A 129 -7.13 -20.75 -22.97
N ALA A 130 -8.25 -21.29 -23.44
CA ALA A 130 -8.30 -21.90 -24.77
C ALA A 130 -8.14 -20.86 -25.87
N ASN A 131 -8.53 -19.62 -25.61
CA ASN A 131 -8.45 -18.56 -26.63
C ASN A 131 -7.14 -17.78 -26.58
N GLY A 132 -6.23 -18.11 -25.68
CA GLY A 132 -4.93 -17.47 -25.63
C GLY A 132 -4.81 -16.28 -24.72
N GLY A 133 -5.83 -15.97 -23.94
CA GLY A 133 -5.74 -14.91 -22.97
C GLY A 133 -7.07 -14.19 -22.81
N GLY A 134 -7.01 -13.14 -21.99
CA GLY A 134 -8.19 -12.33 -21.71
C GLY A 134 -7.86 -11.28 -20.67
N SER A 135 -8.85 -10.48 -20.35
CA SER A 135 -8.71 -9.46 -19.31
C SER A 135 -9.93 -9.51 -18.41
N ILE A 136 -9.68 -9.71 -17.11
CA ILE A 136 -10.73 -9.75 -16.10
C ILE A 136 -10.55 -8.53 -15.21
N VAL A 137 -11.63 -7.76 -15.05
CA VAL A 137 -11.63 -6.57 -14.21
C VAL A 137 -12.61 -6.82 -13.08
N CYS A 138 -12.13 -6.70 -11.84
CA CYS A 138 -12.96 -6.89 -10.67
C CYS A 138 -13.27 -5.54 -10.03
N LEU A 139 -14.47 -5.40 -9.51
CA LEU A 139 -14.92 -4.16 -8.89
C LEU A 139 -14.77 -4.28 -7.38
N SER A 140 -13.85 -3.50 -6.83
CA SER A 140 -13.70 -3.39 -5.38
C SER A 140 -14.25 -2.04 -4.96
N SER A 141 -13.62 -1.39 -3.97
CA SER A 141 -14.10 -0.12 -3.46
C SER A 141 -13.02 0.47 -2.58
N VAL A 142 -12.97 1.81 -2.54
CA VAL A 142 -12.10 2.49 -1.59
C VAL A 142 -12.39 2.02 -0.18
N SER A 143 -13.63 1.59 0.09
CA SER A 143 -14.00 1.10 1.42
C SER A 143 -13.16 -0.11 1.82
N ALA A 144 -12.76 -0.94 0.85
CA ALA A 144 -11.90 -2.08 1.14
C ALA A 144 -10.52 -1.65 1.60
N GLN A 145 -10.07 -0.45 1.22
CA GLN A 145 -8.73 0.03 1.50
C GLN A 145 -8.66 0.87 2.77
N ARG A 146 -9.61 1.80 2.94
CA ARG A 146 -9.58 2.76 4.04
C ARG A 146 -10.42 2.34 5.23
N GLY A 147 -11.13 1.22 5.12
CA GLY A 147 -11.97 0.78 6.23
C GLY A 147 -13.31 1.48 6.24
N GLY A 148 -14.01 1.46 5.12
CA GLY A 148 -15.36 1.99 5.07
C GLY A 148 -15.40 3.46 5.39
N GLY A 149 -16.45 3.87 6.10
CA GLY A 149 -16.67 5.26 6.40
C GLY A 149 -17.36 6.05 5.32
N ILE A 150 -17.79 5.39 4.24
CA ILE A 150 -18.47 6.04 3.12
C ILE A 150 -19.95 5.73 3.12
N PHE A 151 -20.33 4.47 2.93
CA PHE A 151 -21.73 4.07 2.95
C PHE A 151 -21.86 2.60 3.32
N GLY A 152 -21.22 1.73 2.55
CA GLY A 152 -21.31 0.31 2.83
C GLY A 152 -20.68 -0.04 4.18
N GLY A 153 -21.33 -0.96 4.88
CA GLY A 153 -20.87 -1.35 6.20
C GLY A 153 -19.65 -2.25 6.13
N PRO A 154 -19.19 -2.68 7.31
CA PRO A 154 -17.95 -3.47 7.37
C PRO A 154 -17.98 -4.75 6.55
N HIS A 155 -19.14 -5.38 6.39
CA HIS A 155 -19.22 -6.57 5.55
C HIS A 155 -19.05 -6.24 4.08
N TYR A 156 -19.44 -5.04 3.66
CA TYR A 156 -19.15 -4.57 2.31
C TYR A 156 -17.67 -4.31 2.14
N SER A 157 -17.06 -3.62 3.10
CA SER A 157 -15.61 -3.42 3.05
C SER A 157 -14.88 -4.75 3.01
N ALA A 158 -15.35 -5.74 3.77
CA ALA A 158 -14.72 -7.05 3.78
C ALA A 158 -14.90 -7.75 2.44
N ALA A 159 -16.12 -7.74 1.91
CA ALA A 159 -16.36 -8.39 0.62
C ALA A 159 -15.50 -7.77 -0.47
N LYS A 160 -15.43 -6.44 -0.51
CA LYS A 160 -14.65 -5.80 -1.57
C LYS A 160 -13.15 -5.97 -1.37
N ALA A 161 -12.71 -6.11 -0.12
CA ALA A 161 -11.31 -6.47 0.12
C ALA A 161 -11.04 -7.91 -0.27
N GLY A 162 -11.99 -8.81 0.01
CA GLY A 162 -11.84 -10.17 -0.46
C GLY A 162 -11.72 -10.26 -1.97
N VAL A 163 -12.44 -9.40 -2.69
CA VAL A 163 -12.32 -9.35 -4.15
C VAL A 163 -10.89 -9.03 -4.54
N LEU A 164 -10.25 -8.10 -3.85
CA LEU A 164 -8.87 -7.75 -4.17
C LEU A 164 -7.95 -8.95 -3.98
N GLY A 165 -8.11 -9.66 -2.86
CA GLY A 165 -7.29 -10.83 -2.63
C GLY A 165 -7.50 -11.91 -3.68
N LEU A 166 -8.77 -12.14 -4.04
CA LEU A 166 -9.08 -13.12 -5.08
C LEU A 166 -8.48 -12.71 -6.41
N ALA A 167 -8.67 -11.44 -6.79
CA ALA A 167 -8.16 -10.96 -8.07
C ALA A 167 -6.65 -11.12 -8.16
N LYS A 168 -5.93 -10.75 -7.11
CA LYS A 168 -4.47 -10.88 -7.13
C LYS A 168 -4.05 -12.34 -7.22
N ALA A 169 -4.76 -13.22 -6.52
CA ALA A 169 -4.43 -14.65 -6.58
C ALA A 169 -4.67 -15.20 -7.99
N MET A 170 -5.77 -14.80 -8.62
CA MET A 170 -6.03 -15.25 -9.99
C MET A 170 -5.03 -14.65 -10.96
N ALA A 171 -4.65 -13.39 -10.75
CA ALA A 171 -3.63 -12.78 -11.60
C ALA A 171 -2.36 -13.60 -11.57
N ARG A 172 -1.92 -14.00 -10.37
CA ARG A 172 -0.68 -14.78 -10.27
C ARG A 172 -0.85 -16.16 -10.89
N GLU A 173 -2.00 -16.80 -10.69
CA GLU A 173 -2.17 -18.16 -11.21
C GLU A 173 -2.18 -18.18 -12.73
N PHE A 174 -2.83 -17.20 -13.36
CA PHE A 174 -3.12 -17.28 -14.78
C PHE A 174 -2.27 -16.33 -15.64
N GLY A 175 -1.24 -15.72 -15.07
CA GLY A 175 -0.36 -14.87 -15.86
C GLY A 175 0.24 -15.60 -17.04
N GLY A 176 0.64 -16.85 -16.84
CA GLY A 176 1.22 -17.65 -17.92
C GLY A 176 0.25 -17.94 -19.04
N ASP A 177 -1.05 -17.88 -18.78
CA ASP A 177 -2.09 -18.03 -19.78
C ASP A 177 -2.48 -16.69 -20.40
N GLN A 178 -1.78 -15.62 -20.04
CA GLN A 178 -2.08 -14.28 -20.55
C GLN A 178 -3.49 -13.82 -20.20
N ILE A 179 -4.01 -14.30 -19.06
CA ILE A 179 -5.26 -13.82 -18.51
C ILE A 179 -4.89 -12.77 -17.46
N ARG A 180 -5.03 -11.50 -17.82
CA ARG A 180 -4.77 -10.43 -16.89
C ARG A 180 -5.96 -10.26 -15.96
N VAL A 181 -5.67 -10.04 -14.68
CA VAL A 181 -6.71 -9.85 -13.68
C VAL A 181 -6.33 -8.61 -12.86
N ASN A 182 -7.18 -7.59 -12.90
CA ASN A 182 -6.92 -6.34 -12.21
C ASN A 182 -8.21 -5.90 -11.54
N SER A 183 -8.09 -4.94 -10.62
CA SER A 183 -9.24 -4.47 -9.86
C SER A 183 -9.33 -2.96 -9.91
N LEU A 184 -10.56 -2.47 -9.81
CA LEU A 184 -10.85 -1.05 -9.65
C LEU A 184 -11.32 -0.82 -8.22
N THR A 185 -10.89 0.30 -7.63
CA THR A 185 -11.33 0.71 -6.30
C THR A 185 -11.97 2.08 -6.42
N PRO A 186 -13.22 2.16 -6.85
CA PRO A 186 -13.88 3.45 -6.94
C PRO A 186 -14.09 4.08 -5.57
N GLY A 187 -14.09 5.41 -5.55
CA GLY A 187 -14.43 6.16 -4.36
C GLY A 187 -15.93 6.34 -4.23
N LEU A 188 -16.37 7.54 -3.89
CA LEU A 188 -17.80 7.84 -3.80
C LEU A 188 -18.27 8.26 -5.19
N ILE A 189 -19.11 7.42 -5.80
CA ILE A 189 -19.59 7.62 -7.16
C ILE A 189 -21.07 8.00 -7.08
N GLN A 190 -21.45 9.03 -7.82
CA GLN A 190 -22.84 9.47 -7.84
C GLN A 190 -23.72 8.38 -8.44
N ASP A 200 -27.41 13.93 2.99
CA ASP A 200 -26.77 15.10 2.42
C ASP A 200 -25.57 15.56 3.25
N ASP A 201 -25.74 15.55 4.58
CA ASP A 201 -24.63 15.90 5.47
C ASP A 201 -23.48 14.92 5.30
N ARG A 202 -23.79 13.62 5.31
CA ARG A 202 -22.76 12.61 5.07
C ARG A 202 -22.05 12.85 3.75
N ARG A 203 -22.83 13.12 2.69
CA ARG A 203 -22.23 13.36 1.39
C ARG A 203 -21.35 14.61 1.40
N HIS A 204 -21.81 15.67 2.07
CA HIS A 204 -21.03 16.90 2.12
CA HIS A 204 -21.04 16.91 2.13
C HIS A 204 -19.73 16.70 2.88
N ASP A 205 -19.78 15.97 3.99
CA ASP A 205 -18.56 15.72 4.76
C ASP A 205 -17.55 14.92 3.94
N ILE A 206 -18.03 13.88 3.24
CA ILE A 206 -17.15 13.09 2.39
C ILE A 206 -16.58 13.96 1.28
N LEU A 207 -17.44 14.72 0.61
CA LEU A 207 -17.00 15.57 -0.49
C LEU A 207 -15.90 16.52 -0.06
N ALA A 208 -15.95 17.01 1.18
CA ALA A 208 -14.92 17.93 1.66
C ALA A 208 -13.53 17.29 1.69
N GLY A 209 -13.46 15.96 1.72
CA GLY A 209 -12.19 15.27 1.76
C GLY A 209 -11.74 14.73 0.41
N ILE A 210 -12.30 15.26 -0.67
CA ILE A 210 -11.96 14.84 -2.02
C ILE A 210 -11.19 15.98 -2.68
N PRO A 211 -9.88 15.84 -2.92
CA PRO A 211 -9.12 16.94 -3.52
C PRO A 211 -9.69 17.47 -4.83
N LEU A 212 -10.22 16.62 -5.70
CA LEU A 212 -10.76 17.09 -6.96
C LEU A 212 -12.11 17.77 -6.80
N GLY A 213 -12.70 17.75 -5.60
CA GLY A 213 -13.83 18.60 -5.31
C GLY A 213 -15.16 18.19 -5.89
N ARG A 214 -15.31 16.91 -6.25
CA ARG A 214 -16.58 16.42 -6.78
C ARG A 214 -16.67 14.93 -6.54
N LEU A 215 -17.89 14.42 -6.57
CA LEU A 215 -18.09 12.98 -6.55
C LEU A 215 -17.74 12.39 -7.91
N GLY A 216 -17.41 11.11 -7.91
CA GLY A 216 -17.17 10.43 -9.15
C GLY A 216 -18.44 10.20 -9.93
N LYS A 217 -18.28 9.97 -11.23
CA LYS A 217 -19.37 9.61 -12.11
C LYS A 217 -19.20 8.17 -12.56
N ALA A 218 -20.31 7.52 -12.91
CA ALA A 218 -20.23 6.17 -13.43
C ALA A 218 -19.26 6.09 -14.59
N GLN A 219 -19.22 7.15 -15.42
CA GLN A 219 -18.34 7.17 -16.57
C GLN A 219 -16.86 7.15 -16.15
N ASP A 220 -16.54 7.75 -15.00
CA ASP A 220 -15.16 7.71 -14.52
C ASP A 220 -14.71 6.27 -14.29
N VAL A 221 -15.55 5.48 -13.63
CA VAL A 221 -15.23 4.08 -13.39
C VAL A 221 -15.19 3.32 -14.70
N ALA A 222 -16.17 3.56 -15.58
CA ALA A 222 -16.20 2.87 -16.87
C ALA A 222 -14.93 3.14 -17.68
N ASN A 223 -14.43 4.38 -17.64
CA ASN A 223 -13.23 4.69 -18.40
C ASN A 223 -12.01 3.96 -17.86
N ALA A 224 -11.94 3.77 -16.53
CA ALA A 224 -10.85 2.98 -15.96
C ALA A 224 -10.98 1.52 -16.32
N ALA A 225 -12.21 1.00 -16.34
CA ALA A 225 -12.44 -0.37 -16.80
C ALA A 225 -12.03 -0.52 -18.26
N LEU A 226 -12.31 0.50 -19.07
CA LEU A 226 -11.90 0.47 -20.48
C LEU A 226 -10.39 0.35 -20.60
N PHE A 227 -9.65 1.13 -19.82
CA PHE A 227 -8.19 1.04 -19.83
C PHE A 227 -7.74 -0.38 -19.50
N LEU A 228 -8.26 -0.96 -18.42
CA LEU A 228 -7.83 -2.29 -18.00
C LEU A 228 -8.29 -3.37 -18.96
N ALA A 229 -9.44 -3.18 -19.62
CA ALA A 229 -9.92 -4.15 -20.59
C ALA A 229 -9.17 -4.10 -21.90
N SER A 230 -8.57 -2.96 -22.24
CA SER A 230 -7.96 -2.72 -23.53
C SER A 230 -6.50 -3.13 -23.54
N ASP A 231 -5.91 -3.13 -24.75
CA ASP A 231 -4.50 -3.39 -24.91
C ASP A 231 -3.62 -2.27 -24.39
N LEU A 232 -4.20 -1.13 -24.00
CA LEU A 232 -3.41 -0.07 -23.38
C LEU A 232 -2.82 -0.51 -22.05
N SER A 233 -3.33 -1.58 -21.45
CA SER A 233 -2.86 -2.10 -20.17
C SER A 233 -2.31 -3.51 -20.31
N ALA A 234 -1.77 -3.84 -21.48
CA ALA A 234 -1.36 -5.21 -21.78
C ALA A 234 -0.31 -5.75 -20.82
N TYR A 235 0.45 -4.89 -20.15
CA TYR A 235 1.49 -5.32 -19.22
C TYR A 235 1.06 -5.21 -17.76
N LEU A 236 -0.23 -4.99 -17.50
CA LEU A 236 -0.74 -4.83 -16.15
C LEU A 236 -1.51 -6.08 -15.75
N THR A 237 -1.08 -6.71 -14.66
CA THR A 237 -1.89 -7.73 -14.01
C THR A 237 -1.62 -7.65 -12.51
N GLY A 238 -2.64 -7.97 -11.73
CA GLY A 238 -2.54 -7.84 -10.29
C GLY A 238 -2.62 -6.42 -9.77
N VAL A 239 -3.02 -5.47 -10.60
CA VAL A 239 -3.05 -4.05 -10.23
C VAL A 239 -4.37 -3.72 -9.55
N THR A 240 -4.29 -2.83 -8.57
CA THR A 240 -5.46 -2.21 -7.96
C THR A 240 -5.43 -0.74 -8.36
N LEU A 241 -6.42 -0.32 -9.14
CA LEU A 241 -6.47 1.01 -9.74
C LEU A 241 -7.53 1.84 -9.03
N ASP A 242 -7.07 2.84 -8.27
CA ASP A 242 -7.95 3.71 -7.51
C ASP A 242 -8.64 4.71 -8.42
N VAL A 243 -9.95 4.85 -8.27
CA VAL A 243 -10.73 5.85 -8.99
C VAL A 243 -11.52 6.65 -7.97
N ASN A 244 -10.84 7.53 -7.23
CA ASN A 244 -11.43 8.11 -6.03
C ASN A 244 -11.23 9.62 -5.90
N GLY A 245 -10.69 10.28 -6.92
CA GLY A 245 -10.57 11.72 -6.90
C GLY A 245 -9.60 12.26 -5.87
N GLY A 246 -8.73 11.41 -5.35
CA GLY A 246 -7.83 11.79 -4.28
C GLY A 246 -8.39 11.57 -2.89
N MET A 247 -9.60 11.03 -2.77
CA MET A 247 -10.18 10.73 -1.46
C MET A 247 -9.21 9.89 -0.63
N LEU A 248 -8.54 8.94 -1.26
CA LEU A 248 -7.53 8.11 -0.61
C LEU A 248 -6.26 8.20 -1.46
N ILE A 249 -5.25 8.86 -0.93
CA ILE A 249 -3.91 8.90 -1.52
C ILE A 249 -3.01 8.11 -0.58
N HIS A 250 -2.30 7.14 -1.14
CA HIS A 250 -1.52 6.21 -0.34
C HIS A 250 -0.42 5.57 -1.19
N MET B 2 -8.97 9.89 -30.93
CA MET B 2 -7.95 10.95 -30.71
C MET B 2 -8.01 11.40 -29.25
N LEU B 3 -7.39 10.63 -28.37
CA LEU B 3 -7.54 10.85 -26.93
C LEU B 3 -6.96 12.19 -26.48
N LEU B 4 -5.96 12.71 -27.19
CA LEU B 4 -5.29 13.94 -26.80
C LEU B 4 -5.48 15.04 -27.83
N GLN B 5 -6.59 15.01 -28.56
CA GLN B 5 -6.85 16.01 -29.58
C GLN B 5 -6.82 17.40 -28.97
N GLY B 6 -6.08 18.30 -29.61
CA GLY B 6 -6.00 19.68 -29.19
C GLY B 6 -5.14 19.95 -27.98
N LYS B 7 -4.51 18.92 -27.40
CA LYS B 7 -3.72 19.08 -26.19
C LYS B 7 -2.26 19.35 -26.50
N VAL B 8 -1.58 19.98 -25.55
CA VAL B 8 -0.15 20.26 -25.63
C VAL B 8 0.52 19.55 -24.47
N ALA B 9 1.55 18.75 -24.78
CA ALA B 9 2.22 17.93 -23.77
C ALA B 9 3.72 18.21 -23.80
N LEU B 10 4.30 18.43 -22.64
CA LEU B 10 5.74 18.57 -22.48
C LEU B 10 6.28 17.30 -21.85
N ILE B 11 7.28 16.69 -22.50
CA ILE B 11 7.85 15.43 -22.07
C ILE B 11 9.35 15.63 -21.92
N THR B 12 9.86 15.39 -20.72
CA THR B 12 11.30 15.51 -20.49
C THR B 12 11.99 14.18 -20.78
N GLY B 13 13.24 14.27 -21.21
CA GLY B 13 14.04 13.08 -21.46
C GLY B 13 13.58 12.25 -22.64
N ALA B 14 13.00 12.86 -23.67
CA ALA B 14 12.39 12.13 -24.77
C ALA B 14 13.19 12.24 -26.07
N ALA B 15 14.45 12.69 -26.00
CA ALA B 15 15.23 12.85 -27.23
C ALA B 15 15.74 11.52 -27.77
N SER B 16 16.07 10.57 -26.89
CA SER B 16 16.61 9.30 -27.34
C SER B 16 15.54 8.46 -28.02
N GLU B 17 15.92 7.81 -29.12
CA GLU B 17 14.96 7.04 -29.90
C GLU B 17 14.38 5.86 -29.12
N ARG B 18 15.20 5.24 -28.28
CA ARG B 18 14.84 3.98 -27.62
C ARG B 18 14.26 4.17 -26.23
N GLY B 19 14.04 5.42 -25.79
CA GLY B 19 13.59 5.66 -24.44
C GLY B 19 12.08 5.63 -24.27
N ILE B 20 11.67 5.53 -23.01
CA ILE B 20 10.26 5.68 -22.67
C ILE B 20 9.74 7.04 -23.10
N GLY B 21 10.58 8.07 -22.98
CA GLY B 21 10.15 9.41 -23.33
C GLY B 21 9.74 9.53 -24.79
N ARG B 22 10.58 9.02 -25.69
CA ARG B 22 10.26 9.10 -27.11
C ARG B 22 9.04 8.24 -27.44
N ALA B 23 8.94 7.05 -26.85
CA ALA B 23 7.78 6.22 -27.08
C ALA B 23 6.51 6.94 -26.63
N THR B 24 6.58 7.66 -25.53
CA THR B 24 5.44 8.44 -25.07
C THR B 24 5.13 9.59 -26.02
N ALA B 25 6.17 10.28 -26.50
CA ALA B 25 5.95 11.36 -27.45
C ALA B 25 5.31 10.84 -28.73
N GLU B 26 5.75 9.69 -29.22
CA GLU B 26 5.18 9.12 -30.43
C GLU B 26 3.70 8.81 -30.24
N ILE B 27 3.36 8.11 -29.17
CA ILE B 27 1.96 7.74 -28.93
C ILE B 27 1.12 8.98 -28.67
N PHE B 28 1.65 9.96 -27.95
CA PHE B 28 0.91 11.19 -27.71
C PHE B 28 0.63 11.92 -29.02
N ALA B 29 1.63 12.00 -29.90
CA ALA B 29 1.43 12.63 -31.20
C ALA B 29 0.40 11.86 -32.02
N GLN B 30 0.47 10.52 -32.00
CA GLN B 30 -0.52 9.72 -32.69
C GLN B 30 -1.92 10.00 -32.19
N GLN B 31 -2.05 10.34 -30.91
CA GLN B 31 -3.35 10.63 -30.30
C GLN B 31 -3.74 12.10 -30.39
N GLY B 32 -3.02 12.89 -31.19
CA GLY B 32 -3.45 14.23 -31.51
C GLY B 32 -2.78 15.35 -30.74
N ALA B 33 -1.86 15.04 -29.83
CA ALA B 33 -1.23 16.07 -29.04
C ALA B 33 -0.09 16.72 -29.82
N LYS B 34 0.18 17.97 -29.50
CA LYS B 34 1.44 18.62 -29.87
C LYS B 34 2.40 18.43 -28.71
N VAL B 35 3.64 18.05 -29.03
CA VAL B 35 4.60 17.58 -28.04
C VAL B 35 5.78 18.53 -28.00
N ILE B 36 6.19 18.90 -26.79
CA ILE B 36 7.43 19.62 -26.55
C ILE B 36 8.40 18.64 -25.91
N ILE B 37 9.47 18.30 -26.61
CA ILE B 37 10.51 17.44 -26.08
C ILE B 37 11.57 18.33 -25.44
N VAL B 38 11.84 18.09 -24.16
CA VAL B 38 12.88 18.80 -23.43
C VAL B 38 13.92 17.79 -23.00
N ASP B 39 15.16 17.98 -23.46
CA ASP B 39 16.24 17.07 -23.12
C ASP B 39 17.54 17.86 -23.10
N LEU B 40 18.66 17.17 -22.87
CA LEU B 40 19.93 17.86 -22.65
C LEU B 40 20.45 18.49 -23.93
N ASP B 41 20.30 17.82 -25.07
CA ASP B 41 20.91 18.25 -26.32
C ASP B 41 19.86 18.91 -27.21
N LEU B 42 20.13 20.16 -27.60
CA LEU B 42 19.16 20.91 -28.40
C LEU B 42 18.92 20.26 -29.75
N ALA B 43 19.99 19.96 -30.49
CA ALA B 43 19.83 19.39 -31.82
C ALA B 43 19.12 18.05 -31.76
N GLN B 44 19.47 17.20 -30.79
CA GLN B 44 18.79 15.91 -30.67
C GLN B 44 17.33 16.10 -30.35
N SER B 45 17.00 17.05 -29.48
CA SER B 45 15.61 17.30 -29.12
C SER B 45 14.82 17.86 -30.30
N GLN B 46 15.43 18.80 -31.04
CA GLN B 46 14.76 19.33 -32.22
C GLN B 46 14.53 18.25 -33.27
N ASN B 47 15.53 17.38 -33.47
CA ASN B 47 15.38 16.32 -34.46
C ASN B 47 14.32 15.32 -34.05
N ALA B 48 14.25 15.01 -32.75
CA ALA B 48 13.20 14.11 -32.27
C ALA B 48 11.83 14.71 -32.48
N ALA B 49 11.67 16.01 -32.19
CA ALA B 49 10.38 16.67 -32.38
C ALA B 49 9.96 16.65 -33.85
N LYS B 50 10.90 16.91 -34.75
CA LYS B 50 10.58 16.86 -36.18
C LYS B 50 10.22 15.46 -36.63
N ALA B 51 10.82 14.44 -36.00
CA ALA B 51 10.49 13.06 -36.34
C ALA B 51 9.07 12.69 -35.94
N LEU B 52 8.49 13.37 -34.95
CA LEU B 52 7.13 13.08 -34.54
C LEU B 52 6.13 13.49 -35.62
N GLY B 53 6.42 14.54 -36.34
CA GLY B 53 5.51 15.07 -37.33
C GLY B 53 5.62 16.58 -37.38
N GLU B 54 4.48 17.23 -37.63
CA GLU B 54 4.42 18.68 -37.77
C GLU B 54 3.81 19.30 -36.52
N GLY B 55 4.33 20.48 -36.15
CA GLY B 55 3.76 21.25 -35.07
C GLY B 55 4.37 21.02 -33.71
N HIS B 56 5.42 20.20 -33.61
CA HIS B 56 6.04 19.87 -32.33
C HIS B 56 7.25 20.78 -32.10
N MET B 57 7.87 20.64 -30.93
CA MET B 57 8.96 21.52 -30.54
C MET B 57 10.00 20.74 -29.73
N GLY B 58 11.27 21.04 -29.98
CA GLY B 58 12.34 20.49 -29.19
C GLY B 58 13.15 21.58 -28.53
N LEU B 59 13.41 21.44 -27.24
CA LEU B 59 14.13 22.44 -26.45
C LEU B 59 15.17 21.73 -25.61
N ALA B 60 16.21 22.48 -25.23
CA ALA B 60 17.32 21.94 -24.44
C ALA B 60 17.24 22.47 -23.03
N ALA B 61 17.32 21.57 -22.05
CA ALA B 61 17.39 21.97 -20.66
C ALA B 61 17.84 20.79 -19.81
N ASN B 62 18.67 21.08 -18.83
CA ASN B 62 18.90 20.18 -17.71
C ASN B 62 17.76 20.39 -16.72
N VAL B 63 16.96 19.34 -16.49
CA VAL B 63 15.78 19.49 -15.63
C VAL B 63 16.15 19.93 -14.22
N ALA B 64 17.40 19.73 -13.80
CA ALA B 64 17.86 20.16 -12.49
C ALA B 64 18.41 21.58 -12.50
N ASN B 65 18.25 22.31 -13.60
CA ASN B 65 18.77 23.67 -13.76
C ASN B 65 17.57 24.61 -13.87
N GLU B 66 17.31 25.38 -12.82
CA GLU B 66 16.13 26.22 -12.77
C GLU B 66 16.09 27.21 -13.95
N GLU B 67 17.23 27.84 -14.25
CA GLU B 67 17.24 28.85 -15.30
C GLU B 67 16.93 28.23 -16.67
N GLN B 68 17.54 27.08 -16.97
CA GLN B 68 17.28 26.43 -18.25
C GLN B 68 15.84 25.94 -18.36
N VAL B 69 15.30 25.40 -17.27
CA VAL B 69 13.91 24.96 -17.28
C VAL B 69 12.97 26.13 -17.50
N LYS B 70 13.21 27.24 -16.79
CA LYS B 70 12.37 28.42 -16.96
C LYS B 70 12.37 28.89 -18.41
N ALA B 71 13.55 28.94 -19.03
CA ALA B 71 13.64 29.41 -20.41
C ALA B 71 12.88 28.48 -21.35
N ALA B 72 12.99 27.17 -21.14
CA ALA B 72 12.32 26.22 -22.02
C ALA B 72 10.80 26.34 -21.89
N VAL B 73 10.30 26.37 -20.65
CA VAL B 73 8.86 26.46 -20.45
C VAL B 73 8.32 27.75 -21.03
N GLU B 74 9.05 28.86 -20.86
CA GLU B 74 8.60 30.13 -21.41
C GLU B 74 8.54 30.08 -22.93
N GLN B 75 9.53 29.47 -23.57
CA GLN B 75 9.49 29.32 -25.02
C GLN B 75 8.29 28.49 -25.45
N ALA B 76 8.01 27.40 -24.72
CA ALA B 76 6.87 26.56 -25.05
C ALA B 76 5.55 27.32 -24.89
N LEU B 77 5.41 28.06 -23.80
CA LEU B 77 4.18 28.80 -23.57
C LEU B 77 4.00 29.93 -24.59
N GLN B 78 5.11 30.56 -24.98
CA GLN B 78 5.04 31.61 -25.99
C GLN B 78 4.47 31.08 -27.30
N HIS B 79 4.83 29.84 -27.66
CA HIS B 79 4.40 29.28 -28.93
C HIS B 79 3.00 28.67 -28.84
N TYR B 80 2.75 27.86 -27.82
CA TYR B 80 1.51 27.10 -27.71
C TYR B 80 0.46 27.77 -26.83
N GLY B 81 0.86 28.70 -25.96
CA GLY B 81 -0.06 29.38 -25.08
C GLY B 81 -0.53 28.57 -23.88
N LYS B 82 -0.22 27.28 -23.84
CA LYS B 82 -0.68 26.42 -22.75
C LYS B 82 0.16 25.16 -22.75
N ILE B 83 0.19 24.51 -21.59
CA ILE B 83 0.73 23.16 -21.44
C ILE B 83 -0.33 22.36 -20.68
N ASP B 84 -1.01 21.46 -21.38
CA ASP B 84 -2.06 20.66 -20.76
C ASP B 84 -1.48 19.51 -19.94
N ILE B 85 -0.36 18.95 -20.37
CA ILE B 85 0.17 17.71 -19.85
C ILE B 85 1.66 17.86 -19.64
N LEU B 86 2.16 17.43 -18.48
CA LEU B 86 3.59 17.37 -18.20
C LEU B 86 3.94 15.92 -17.86
N ILE B 87 4.85 15.34 -18.62
CA ILE B 87 5.39 14.01 -18.35
C ILE B 87 6.81 14.19 -17.85
N ASN B 88 7.01 14.02 -16.54
CA ASN B 88 8.32 14.13 -15.91
C ASN B 88 9.06 12.79 -16.06
N ASN B 89 9.49 12.54 -17.29
CA ASN B 89 10.11 11.26 -17.61
C ASN B 89 11.61 11.24 -17.40
N ALA B 90 12.27 12.40 -17.41
CA ALA B 90 13.71 12.44 -17.23
C ALA B 90 14.14 11.70 -15.97
N GLY B 91 15.22 10.93 -16.09
CA GLY B 91 15.74 10.18 -14.98
C GLY B 91 16.96 9.38 -15.39
N ILE B 92 17.86 9.14 -14.45
CA ILE B 92 19.04 8.31 -14.71
C ILE B 92 19.13 7.26 -13.61
N THR B 93 19.80 6.17 -13.92
CA THR B 93 20.01 5.09 -12.97
C THR B 93 21.50 4.79 -12.87
N GLN B 94 21.85 4.08 -11.82
CA GLN B 94 23.22 3.68 -11.58
CA GLN B 94 23.23 3.69 -11.58
C GLN B 94 23.23 2.36 -10.82
N PRO B 95 23.88 1.31 -11.35
CA PRO B 95 23.89 0.01 -10.66
C PRO B 95 25.03 -0.10 -9.65
N ILE B 96 24.91 0.62 -8.53
CA ILE B 96 25.89 0.57 -7.47
C ILE B 96 25.17 0.32 -6.15
N LYS B 97 25.86 -0.37 -5.24
CA LYS B 97 25.26 -0.81 -4.00
C LYS B 97 25.42 0.23 -2.89
N THR B 98 24.78 -0.02 -1.76
CA THR B 98 24.63 0.98 -0.71
C THR B 98 25.96 1.62 -0.35
N LEU B 99 26.96 0.80 0.01
CA LEU B 99 28.20 1.35 0.56
C LEU B 99 29.06 2.05 -0.47
N ASP B 100 28.75 1.92 -1.75
CA ASP B 100 29.55 2.53 -2.81
C ASP B 100 28.96 3.84 -3.33
N ILE B 101 27.82 4.28 -2.80
CA ILE B 101 27.19 5.51 -3.26
C ILE B 101 27.96 6.71 -2.70
N GLN B 102 28.59 7.48 -3.58
CA GLN B 102 29.30 8.68 -3.20
C GLN B 102 28.39 9.91 -3.35
N ARG B 103 28.83 11.01 -2.76
CA ARG B 103 28.05 12.25 -2.81
C ARG B 103 27.64 12.60 -4.24
N SER B 104 28.58 12.48 -5.19
CA SER B 104 28.28 12.85 -6.57
C SER B 104 27.28 11.89 -7.21
N ASP B 105 27.32 10.61 -6.83
CA ASP B 105 26.34 9.65 -7.33
C ASP B 105 24.94 9.99 -6.83
N TYR B 106 24.83 10.21 -5.51
CA TYR B 106 23.56 10.62 -4.91
C TYR B 106 23.03 11.88 -5.58
N ASP B 107 23.88 12.91 -5.71
CA ASP B 107 23.44 14.16 -6.28
C ASP B 107 22.93 13.98 -7.71
N ARG B 108 23.69 13.28 -8.55
CA ARG B 108 23.31 13.12 -9.95
C ARG B 108 21.97 12.42 -10.06
N VAL B 109 21.81 11.29 -9.37
CA VAL B 109 20.61 10.48 -9.51
C VAL B 109 19.41 11.21 -8.91
N LEU B 110 19.58 11.78 -7.73
CA LEU B 110 18.48 12.52 -7.12
C LEU B 110 18.12 13.77 -7.92
N ASP B 111 19.11 14.41 -8.56
CA ASP B 111 18.84 15.65 -9.28
C ASP B 111 17.96 15.41 -10.50
N VAL B 112 18.25 14.40 -11.30
CA VAL B 112 17.51 14.22 -12.54
C VAL B 112 16.07 13.83 -12.25
N SER B 113 15.86 12.89 -11.32
CA SER B 113 14.52 12.40 -11.04
C SER B 113 13.76 13.32 -10.09
N LEU B 114 14.27 13.49 -8.86
CA LEU B 114 13.50 14.20 -7.86
C LEU B 114 13.56 15.71 -8.04
N ARG B 115 14.78 16.29 -8.03
CA ARG B 115 14.85 17.73 -8.19
C ARG B 115 14.29 18.16 -9.54
N GLY B 116 14.56 17.36 -10.58
CA GLY B 116 14.03 17.69 -11.90
C GLY B 116 12.51 17.69 -11.94
N THR B 117 11.89 16.69 -11.31
CA THR B 117 10.44 16.67 -11.24
C THR B 117 9.91 17.90 -10.49
N LEU B 118 10.58 18.28 -9.40
CA LEU B 118 10.15 19.47 -8.67
C LEU B 118 10.31 20.73 -9.52
N ILE B 119 11.48 20.91 -10.13
CA ILE B 119 11.76 22.14 -10.85
C ILE B 119 10.84 22.26 -12.06
N MET B 120 10.68 21.20 -12.84
CA MET B 120 9.81 21.26 -14.01
C MET B 120 8.36 21.46 -13.60
N SER B 121 7.92 20.78 -12.54
CA SER B 121 6.54 20.96 -12.08
C SER B 121 6.33 22.39 -11.59
N GLN B 122 7.29 22.94 -10.85
CA GLN B 122 7.18 24.32 -10.41
C GLN B 122 7.08 25.27 -11.58
N ALA B 123 7.76 24.98 -12.69
CA ALA B 123 7.76 25.88 -13.83
C ALA B 123 6.46 25.82 -14.62
N VAL B 124 5.76 24.69 -14.59
CA VAL B 124 4.58 24.47 -15.44
C VAL B 124 3.30 24.71 -14.66
N ILE B 125 3.32 24.47 -13.34
CA ILE B 125 2.10 24.59 -12.55
C ILE B 125 1.47 25.96 -12.63
N PRO B 126 2.21 27.07 -12.60
CA PRO B 126 1.54 28.38 -12.69
C PRO B 126 0.63 28.52 -13.89
N SER B 127 1.09 28.09 -15.08
CA SER B 127 0.25 28.18 -16.27
C SER B 127 -0.93 27.22 -16.17
N MET B 128 -0.73 26.04 -15.59
CA MET B 128 -1.84 25.11 -15.43
C MET B 128 -2.91 25.67 -14.50
N LYS B 129 -2.49 26.32 -13.40
CA LYS B 129 -3.45 26.96 -12.52
C LYS B 129 -4.27 28.00 -13.27
N ALA B 130 -3.59 28.84 -14.06
CA ALA B 130 -4.27 29.89 -14.80
C ALA B 130 -5.17 29.33 -15.89
N ASN B 131 -4.82 28.16 -16.43
CA ASN B 131 -5.55 27.57 -17.55
C ASN B 131 -6.63 26.58 -17.10
N GLY B 132 -6.87 26.45 -15.80
CA GLY B 132 -7.97 25.66 -15.31
C GLY B 132 -7.66 24.20 -15.05
N GLY B 133 -6.40 23.80 -15.08
CA GLY B 133 -6.02 22.46 -14.70
C GLY B 133 -4.97 21.90 -15.64
N GLY B 134 -4.71 20.62 -15.46
CA GLY B 134 -3.73 19.91 -16.25
C GLY B 134 -3.54 18.52 -15.69
N SER B 135 -2.63 17.78 -16.33
CA SER B 135 -2.28 16.45 -15.87
C SER B 135 -0.76 16.33 -15.85
N ILE B 136 -0.22 16.02 -14.67
CA ILE B 136 1.21 15.80 -14.49
C ILE B 136 1.43 14.34 -14.18
N VAL B 137 2.28 13.69 -14.97
CA VAL B 137 2.62 12.28 -14.78
C VAL B 137 4.09 12.21 -14.39
N CYS B 138 4.36 11.58 -13.25
CA CYS B 138 5.72 11.42 -12.76
C CYS B 138 6.16 9.97 -12.96
N LEU B 139 7.44 9.79 -13.26
CA LEU B 139 8.01 8.48 -13.52
C LEU B 139 8.77 8.02 -12.29
N SER B 140 8.23 6.99 -11.64
CA SER B 140 8.89 6.32 -10.52
C SER B 140 9.42 4.98 -11.04
N SER B 141 9.39 3.96 -10.18
CA SER B 141 9.92 2.64 -10.54
C SER B 141 9.45 1.63 -9.52
N VAL B 142 9.27 0.38 -9.97
CA VAL B 142 9.03 -0.71 -9.02
C VAL B 142 10.12 -0.76 -7.97
N SER B 143 11.33 -0.31 -8.32
CA SER B 143 12.43 -0.32 -7.36
C SER B 143 12.12 0.53 -6.13
N ALA B 144 11.34 1.60 -6.31
CA ALA B 144 10.93 2.42 -5.17
C ALA B 144 9.99 1.69 -4.23
N GLN B 145 9.28 0.68 -4.73
CA GLN B 145 8.28 -0.03 -3.94
C GLN B 145 8.85 -1.28 -3.28
N ARG B 146 9.60 -2.09 -4.04
CA ARG B 146 10.08 -3.37 -3.55
C ARG B 146 11.49 -3.31 -2.99
N GLY B 147 12.15 -2.16 -3.03
CA GLY B 147 13.50 -2.06 -2.53
C GLY B 147 14.54 -2.53 -3.53
N GLY B 148 14.49 -1.99 -4.73
CA GLY B 148 15.51 -2.30 -5.72
C GLY B 148 15.55 -3.77 -6.06
N GLY B 149 16.76 -4.28 -6.25
CA GLY B 149 16.96 -5.66 -6.64
C GLY B 149 16.84 -5.92 -8.12
N ILE B 150 16.65 -4.87 -8.93
CA ILE B 150 16.51 -5.01 -10.38
C ILE B 150 17.77 -4.52 -11.10
N PHE B 151 18.07 -3.23 -10.99
CA PHE B 151 19.28 -2.68 -11.60
C PHE B 151 19.75 -1.45 -10.84
N GLY B 152 18.88 -0.44 -10.73
CA GLY B 152 19.27 0.78 -10.05
C GLY B 152 19.57 0.53 -8.57
N GLY B 153 20.59 1.20 -8.07
CA GLY B 153 20.99 1.05 -6.69
C GLY B 153 20.07 1.77 -5.73
N PRO B 154 20.41 1.67 -4.44
CA PRO B 154 19.51 2.23 -3.41
C PRO B 154 19.21 3.71 -3.55
N HIS B 155 20.15 4.49 -4.09
CA HIS B 155 19.87 5.91 -4.32
C HIS B 155 18.88 6.12 -5.44
N TYR B 156 18.84 5.21 -6.42
CA TYR B 156 17.80 5.24 -7.44
C TYR B 156 16.45 4.88 -6.83
N SER B 157 16.39 3.81 -6.03
CA SER B 157 15.17 3.49 -5.32
C SER B 157 14.70 4.66 -4.48
N ALA B 158 15.61 5.32 -3.79
CA ALA B 158 15.26 6.47 -2.95
C ALA B 158 14.74 7.62 -3.81
N ALA B 159 15.44 7.94 -4.90
CA ALA B 159 15.01 9.05 -5.75
C ALA B 159 13.62 8.79 -6.30
N LYS B 160 13.37 7.57 -6.79
CA LYS B 160 12.07 7.26 -7.39
C LYS B 160 10.98 7.16 -6.32
N ALA B 161 11.33 6.78 -5.10
CA ALA B 161 10.35 6.85 -4.01
C ALA B 161 10.08 8.30 -3.63
N GLY B 162 11.11 9.13 -3.60
CA GLY B 162 10.90 10.54 -3.36
C GLY B 162 9.97 11.17 -4.38
N VAL B 163 10.08 10.74 -5.65
CA VAL B 163 9.18 11.23 -6.68
C VAL B 163 7.73 10.92 -6.31
N LEU B 164 7.47 9.71 -5.80
CA LEU B 164 6.12 9.37 -5.38
C LEU B 164 5.62 10.29 -4.29
N GLY B 165 6.44 10.53 -3.27
CA GLY B 165 6.04 11.42 -2.20
C GLY B 165 5.74 12.82 -2.69
N LEU B 166 6.60 13.34 -3.58
CA LEU B 166 6.37 14.67 -4.14
C LEU B 166 5.11 14.70 -4.98
N ALA B 167 4.91 13.69 -5.83
CA ALA B 167 3.74 13.64 -6.69
C ALA B 167 2.47 13.65 -5.85
N LYS B 168 2.42 12.85 -4.79
CA LYS B 168 1.23 12.79 -3.95
C LYS B 168 1.00 14.12 -3.24
N ALA B 169 2.08 14.76 -2.77
CA ALA B 169 1.94 16.05 -2.11
C ALA B 169 1.41 17.10 -3.07
N MET B 170 1.89 17.10 -4.32
CA MET B 170 1.39 18.06 -5.30
C MET B 170 -0.05 17.74 -5.69
N ALA B 171 -0.39 16.45 -5.79
CA ALA B 171 -1.77 16.07 -6.05
C ALA B 171 -2.70 16.65 -5.02
N ARG B 172 -2.34 16.53 -3.74
CA ARG B 172 -3.20 17.05 -2.69
C ARG B 172 -3.27 18.57 -2.73
N GLU B 173 -2.13 19.25 -2.96
CA GLU B 173 -2.14 20.70 -2.93
C GLU B 173 -2.97 21.29 -4.06
N PHE B 174 -2.90 20.70 -5.25
CA PHE B 174 -3.45 21.32 -6.46
C PHE B 174 -4.72 20.64 -6.96
N GLY B 175 -5.32 19.76 -6.17
CA GLY B 175 -6.59 19.17 -6.58
C GLY B 175 -7.65 20.22 -6.85
N GLY B 176 -7.70 21.26 -6.02
CA GLY B 176 -8.66 22.33 -6.22
C GLY B 176 -8.45 23.12 -7.50
N ASP B 177 -7.24 23.10 -8.05
CA ASP B 177 -6.94 23.70 -9.34
C ASP B 177 -7.16 22.73 -10.49
N GLN B 178 -7.67 21.53 -10.21
CA GLN B 178 -7.86 20.50 -11.23
C GLN B 178 -6.56 20.13 -11.93
N ILE B 179 -5.45 20.25 -11.23
CA ILE B 179 -4.16 19.75 -11.70
C ILE B 179 -4.00 18.35 -11.10
N ARG B 180 -4.24 17.34 -11.92
CA ARG B 180 -4.07 15.97 -11.48
C ARG B 180 -2.59 15.61 -11.53
N VAL B 181 -2.12 14.92 -10.49
CA VAL B 181 -0.73 14.50 -10.41
C VAL B 181 -0.73 13.03 -10.04
N ASN B 182 -0.16 12.21 -10.93
CA ASN B 182 -0.14 10.77 -10.75
C ASN B 182 1.24 10.27 -11.15
N SER B 183 1.55 9.04 -10.74
CA SER B 183 2.86 8.45 -10.99
C SER B 183 2.72 7.09 -11.64
N LEU B 184 3.73 6.74 -12.44
CA LEU B 184 3.88 5.41 -12.99
C LEU B 184 5.04 4.73 -12.28
N THR B 185 4.88 3.43 -11.99
CA THR B 185 5.93 2.61 -11.39
C THR B 185 6.22 1.46 -12.34
N PRO B 186 7.00 1.70 -13.39
CA PRO B 186 7.31 0.60 -14.33
C PRO B 186 8.20 -0.44 -13.69
N GLY B 187 8.05 -1.67 -14.17
CA GLY B 187 8.94 -2.75 -13.79
C GLY B 187 10.21 -2.74 -14.61
N LEU B 188 10.66 -3.90 -15.05
CA LEU B 188 11.84 -3.97 -15.90
C LEU B 188 11.41 -3.74 -17.34
N ILE B 189 11.86 -2.62 -17.92
CA ILE B 189 11.46 -2.19 -19.25
C ILE B 189 12.65 -2.32 -20.17
N GLN B 190 12.40 -2.74 -21.41
CA GLN B 190 13.46 -2.87 -22.40
C GLN B 190 13.76 -1.52 -23.05
N ARG B 202 21.00 -12.56 -16.54
CA ARG B 202 20.42 -11.69 -15.52
C ARG B 202 18.96 -11.41 -15.83
N ARG B 203 18.68 -11.06 -17.09
CA ARG B 203 17.30 -10.85 -17.51
C ARG B 203 16.46 -12.12 -17.32
N HIS B 204 17.06 -13.29 -17.59
CA HIS B 204 16.34 -14.54 -17.43
C HIS B 204 15.88 -14.74 -16.00
N ASP B 205 16.75 -14.47 -15.03
CA ASP B 205 16.39 -14.66 -13.63
C ASP B 205 15.24 -13.73 -13.24
N ILE B 206 15.32 -12.46 -13.63
CA ILE B 206 14.24 -11.53 -13.36
C ILE B 206 12.97 -11.96 -14.09
N LEU B 207 13.12 -12.40 -15.34
CA LEU B 207 11.96 -12.81 -16.14
C LEU B 207 11.19 -13.95 -15.48
N ALA B 208 11.89 -14.81 -14.74
CA ALA B 208 11.22 -15.94 -14.09
C ALA B 208 10.22 -15.47 -13.04
N GLY B 209 10.37 -14.26 -12.51
CA GLY B 209 9.47 -13.76 -11.48
C GLY B 209 8.40 -12.83 -12.02
N ILE B 210 8.19 -12.84 -13.33
CA ILE B 210 7.20 -11.97 -13.96
C ILE B 210 6.04 -12.84 -14.46
N PRO B 211 4.87 -12.76 -13.83
CA PRO B 211 3.76 -13.64 -14.26
C PRO B 211 3.41 -13.56 -15.74
N LEU B 212 3.46 -12.38 -16.35
CA LEU B 212 3.11 -12.27 -17.77
C LEU B 212 4.22 -12.76 -18.70
N GLY B 213 5.37 -13.15 -18.15
CA GLY B 213 6.35 -13.90 -18.92
C GLY B 213 7.11 -13.11 -19.95
N ARG B 214 7.19 -11.79 -19.80
CA ARG B 214 7.99 -10.97 -20.70
C ARG B 214 8.41 -9.71 -19.95
N LEU B 215 9.39 -9.02 -20.51
CA LEU B 215 9.76 -7.72 -19.99
C LEU B 215 8.82 -6.65 -20.54
N GLY B 216 8.82 -5.51 -19.88
CA GLY B 216 8.01 -4.40 -20.34
C GLY B 216 8.60 -3.76 -21.57
N LYS B 217 7.73 -3.11 -22.34
CA LYS B 217 8.12 -2.34 -23.50
C LYS B 217 7.94 -0.86 -23.21
N ALA B 218 8.74 -0.02 -23.86
CA ALA B 218 8.56 1.42 -23.72
C ALA B 218 7.11 1.81 -24.02
N GLN B 219 6.49 1.12 -24.99
CA GLN B 219 5.11 1.40 -25.35
C GLN B 219 4.14 1.08 -24.21
N ASP B 220 4.46 0.09 -23.39
CA ASP B 220 3.61 -0.22 -22.24
C ASP B 220 3.54 0.97 -21.29
N VAL B 221 4.70 1.56 -20.98
CA VAL B 221 4.74 2.72 -20.11
C VAL B 221 4.07 3.91 -20.78
N ALA B 222 4.34 4.11 -22.06
CA ALA B 222 3.72 5.21 -22.80
C ALA B 222 2.20 5.11 -22.77
N ASN B 223 1.66 3.90 -22.92
CA ASN B 223 0.21 3.74 -22.93
C ASN B 223 -0.40 4.04 -21.57
N ALA B 224 0.31 3.71 -20.49
CA ALA B 224 -0.16 4.08 -19.16
C ALA B 224 -0.08 5.59 -18.96
N ALA B 225 0.98 6.22 -19.46
CA ALA B 225 1.06 7.68 -19.43
C ALA B 225 -0.06 8.31 -20.24
N LEU B 226 -0.40 7.70 -21.38
CA LEU B 226 -1.51 8.20 -22.18
C LEU B 226 -2.81 8.18 -21.40
N PHE B 227 -3.08 7.07 -20.70
CA PHE B 227 -4.27 6.99 -19.87
C PHE B 227 -4.31 8.12 -18.85
N LEU B 228 -3.20 8.31 -18.12
CA LEU B 228 -3.16 9.33 -17.07
C LEU B 228 -3.19 10.75 -17.64
N ALA B 229 -2.65 10.95 -18.83
CA ALA B 229 -2.67 12.27 -19.46
C ALA B 229 -4.02 12.62 -20.05
N SER B 230 -4.83 11.62 -20.39
CA SER B 230 -6.09 11.81 -21.10
C SER B 230 -7.25 12.01 -20.12
N ASP B 231 -8.40 12.38 -20.69
CA ASP B 231 -9.61 12.52 -19.89
C ASP B 231 -10.17 11.18 -19.42
N LEU B 232 -9.64 10.06 -19.90
CA LEU B 232 -10.06 8.76 -19.39
C LEU B 232 -9.76 8.61 -17.91
N SER B 233 -8.86 9.44 -17.36
CA SER B 233 -8.46 9.38 -15.96
C SER B 233 -8.82 10.67 -15.22
N ALA B 234 -9.87 11.35 -15.66
CA ALA B 234 -10.21 12.67 -15.14
C ALA B 234 -10.47 12.68 -13.64
N TYR B 235 -10.80 11.53 -13.04
CA TYR B 235 -11.08 11.46 -11.62
C TYR B 235 -9.94 10.83 -10.82
N LEU B 236 -8.77 10.69 -11.43
CA LEU B 236 -7.61 10.09 -10.77
C LEU B 236 -6.59 11.17 -10.44
N THR B 237 -6.25 11.29 -9.17
CA THR B 237 -5.12 12.09 -8.75
C THR B 237 -4.52 11.43 -7.51
N GLY B 238 -3.20 11.56 -7.38
CA GLY B 238 -2.50 10.88 -6.31
C GLY B 238 -2.32 9.40 -6.51
N VAL B 239 -2.55 8.90 -7.71
CA VAL B 239 -2.51 7.46 -7.99
C VAL B 239 -1.07 7.06 -8.32
N THR B 240 -0.70 5.87 -7.89
CA THR B 240 0.54 5.22 -8.30
C THR B 240 0.14 4.00 -9.11
N LEU B 241 0.48 4.01 -10.40
CA LEU B 241 0.01 3.01 -11.36
C LEU B 241 1.16 2.09 -11.73
N ASP B 242 1.08 0.84 -11.30
CA ASP B 242 2.12 -0.14 -11.55
C ASP B 242 2.06 -0.63 -12.98
N VAL B 243 3.21 -0.67 -13.65
CA VAL B 243 3.32 -1.21 -15.00
C VAL B 243 4.46 -2.23 -14.98
N ASN B 244 4.22 -3.39 -14.38
CA ASN B 244 5.32 -4.30 -14.05
C ASN B 244 5.06 -5.76 -14.41
N GLY B 245 3.95 -6.05 -15.10
CA GLY B 245 3.70 -7.41 -15.57
C GLY B 245 3.40 -8.42 -14.48
N GLY B 246 3.09 -7.95 -13.27
CA GLY B 246 2.91 -8.82 -12.14
C GLY B 246 4.17 -9.06 -11.33
N MET B 247 5.29 -8.44 -11.72
CA MET B 247 6.54 -8.60 -10.96
C MET B 247 6.33 -8.25 -9.49
N LEU B 248 5.54 -7.22 -9.22
CA LEU B 248 5.16 -6.85 -7.85
C LEU B 248 3.65 -6.75 -7.79
N ILE B 249 3.03 -7.68 -7.10
CA ILE B 249 1.61 -7.66 -6.78
C ILE B 249 1.50 -7.38 -5.29
N HIS B 250 0.73 -6.36 -4.92
CA HIS B 250 0.66 -5.91 -3.54
C HIS B 250 -0.64 -5.15 -3.30
N MET C 2 13.43 -6.27 30.06
CA MET C 2 14.61 -5.57 29.45
C MET C 2 14.79 -6.01 28.02
N LEU C 3 13.99 -5.44 27.12
CA LEU C 3 13.98 -5.89 25.73
C LEU C 3 15.30 -5.61 25.02
N LEU C 4 16.07 -4.62 25.48
CA LEU C 4 17.32 -4.24 24.83
C LEU C 4 18.52 -4.49 25.73
N GLN C 5 18.42 -5.47 26.62
CA GLN C 5 19.52 -5.74 27.55
C GLN C 5 20.80 -6.05 26.79
N GLY C 6 21.88 -5.35 27.16
CA GLY C 6 23.17 -5.57 26.57
C GLY C 6 23.36 -4.98 25.19
N LYS C 7 22.38 -4.27 24.65
CA LYS C 7 22.46 -3.72 23.31
C LYS C 7 22.99 -2.29 23.34
N VAL C 8 23.54 -1.87 22.21
CA VAL C 8 24.05 -0.52 22.01
C VAL C 8 23.28 0.10 20.84
N ALA C 9 22.69 1.26 21.08
CA ALA C 9 21.85 1.93 20.08
C ALA C 9 22.37 3.33 19.83
N LEU C 10 22.47 3.70 18.56
CA LEU C 10 22.82 5.05 18.15
C LEU C 10 21.56 5.72 17.60
N ILE C 11 21.24 6.90 18.12
CA ILE C 11 20.03 7.63 17.75
C ILE C 11 20.44 9.04 17.33
N THR C 12 20.12 9.40 16.09
CA THR C 12 20.42 10.74 15.61
C THR C 12 19.27 11.68 15.92
N GLY C 13 19.61 12.96 16.10
CA GLY C 13 18.61 13.98 16.34
C GLY C 13 17.89 13.87 17.66
N ALA C 14 18.55 13.35 18.69
CA ALA C 14 17.90 13.05 19.96
C ALA C 14 18.34 13.98 21.09
N ALA C 15 18.97 15.11 20.77
CA ALA C 15 19.41 16.02 21.82
C ALA C 15 18.30 16.90 22.35
N SER C 16 17.28 17.19 21.53
CA SER C 16 16.21 18.08 21.96
C SER C 16 15.30 17.39 22.97
N GLU C 17 14.87 18.15 23.98
CA GLU C 17 14.22 17.56 25.14
C GLU C 17 12.95 16.80 24.77
N ARG C 18 12.03 17.44 24.06
CA ARG C 18 10.69 16.90 23.85
C ARG C 18 10.52 16.22 22.49
N GLY C 19 11.63 15.89 21.82
CA GLY C 19 11.53 15.29 20.51
C GLY C 19 11.35 13.78 20.55
N ILE C 20 11.02 13.24 19.38
CA ILE C 20 10.92 11.78 19.23
C ILE C 20 12.24 11.12 19.56
N GLY C 21 13.35 11.73 19.13
CA GLY C 21 14.65 11.12 19.37
C GLY C 21 14.95 10.95 20.84
N ARG C 22 14.72 12.00 21.64
CA ARG C 22 14.98 11.91 23.07
C ARG C 22 14.05 10.92 23.74
N ALA C 23 12.78 10.90 23.34
CA ALA C 23 11.84 9.94 23.91
C ALA C 23 12.28 8.51 23.60
N THR C 24 12.80 8.28 22.39
CA THR C 24 13.30 6.96 22.03
C THR C 24 14.53 6.61 22.86
N ALA C 25 15.44 7.57 23.04
CA ALA C 25 16.62 7.34 23.89
C ALA C 25 16.21 6.96 25.30
N GLU C 26 15.24 7.67 25.87
CA GLU C 26 14.80 7.39 27.23
C GLU C 26 14.24 5.97 27.35
N ILE C 27 13.34 5.61 26.43
CA ILE C 27 12.73 4.28 26.49
C ILE C 27 13.77 3.20 26.22
N PHE C 28 14.69 3.45 25.30
CA PHE C 28 15.75 2.46 25.03
C PHE C 28 16.61 2.25 26.27
N ALA C 29 16.97 3.33 26.96
CA ALA C 29 17.76 3.21 28.18
C ALA C 29 16.98 2.47 29.26
N GLN C 30 15.68 2.76 29.40
CA GLN C 30 14.85 2.04 30.34
C GLN C 30 14.83 0.55 30.05
N GLN C 31 14.97 0.17 28.78
CA GLN C 31 14.94 -1.23 28.37
C GLN C 31 16.33 -1.86 28.34
N GLY C 32 17.33 -1.20 28.93
CA GLY C 32 18.64 -1.81 29.13
C GLY C 32 19.70 -1.46 28.12
N ALA C 33 19.38 -0.67 27.09
CA ALA C 33 20.37 -0.35 26.08
C ALA C 33 21.29 0.76 26.57
N LYS C 34 22.51 0.77 26.03
CA LYS C 34 23.37 1.95 26.11
C LYS C 34 23.15 2.75 24.84
N VAL C 35 22.98 4.06 24.98
CA VAL C 35 22.52 4.92 23.91
C VAL C 35 23.62 5.92 23.56
N ILE C 36 23.87 6.05 22.26
CA ILE C 36 24.74 7.10 21.73
C ILE C 36 23.82 8.11 21.06
N ILE C 37 23.77 9.32 21.61
CA ILE C 37 22.99 10.41 21.01
C ILE C 37 23.93 11.18 20.09
N VAL C 38 23.52 11.31 18.83
CA VAL C 38 24.28 12.07 17.83
C VAL C 38 23.41 13.22 17.36
N ASP C 39 23.87 14.45 17.57
CA ASP C 39 23.14 15.63 17.14
C ASP C 39 24.14 16.72 16.79
N LEU C 40 23.64 17.89 16.42
CA LEU C 40 24.51 18.94 15.89
C LEU C 40 25.45 19.50 16.95
N ASP C 41 24.96 19.66 18.18
CA ASP C 41 25.70 20.35 19.23
C ASP C 41 26.24 19.33 20.23
N LEU C 42 27.55 19.32 20.43
CA LEU C 42 28.15 18.34 21.33
C LEU C 42 27.66 18.51 22.76
N ALA C 43 27.68 19.75 23.26
CA ALA C 43 27.25 19.97 24.64
C ALA C 43 25.81 19.51 24.85
N GLN C 44 24.92 19.83 23.91
CA GLN C 44 23.53 19.42 24.05
C GLN C 44 23.40 17.90 24.00
N SER C 45 24.18 17.26 23.11
CA SER C 45 24.12 15.80 23.01
C SER C 45 24.69 15.13 24.26
N GLN C 46 25.78 15.68 24.81
CA GLN C 46 26.35 15.10 26.02
C GLN C 46 25.41 15.28 27.21
N ASN C 47 24.77 16.44 27.32
CA ASN C 47 23.83 16.67 28.41
C ASN C 47 22.63 15.73 28.31
N ALA C 48 22.15 15.49 27.09
CA ALA C 48 21.05 14.55 26.90
C ALA C 48 21.45 13.15 27.29
N ALA C 49 22.64 12.71 26.87
CA ALA C 49 23.11 11.38 27.23
C ALA C 49 23.25 11.23 28.74
N LYS C 50 23.82 12.25 29.40
CA LYS C 50 23.95 12.21 30.85
C LYS C 50 22.59 12.09 31.53
N ALA C 51 21.58 12.76 30.97
CA ALA C 51 20.24 12.71 31.57
C ALA C 51 19.65 11.31 31.50
N LEU C 52 20.06 10.50 30.51
CA LEU C 52 19.52 9.15 30.39
C LEU C 52 19.94 8.29 31.57
N GLY C 53 21.13 8.51 32.08
CA GLY C 53 21.66 7.71 33.16
C GLY C 53 23.16 7.54 33.01
N GLU C 54 23.64 6.35 33.36
CA GLU C 54 25.06 6.05 33.34
C GLU C 54 25.40 5.18 32.15
N GLY C 55 26.57 5.41 31.56
CA GLY C 55 27.08 4.56 30.52
C GLY C 55 26.72 4.96 29.10
N HIS C 56 26.05 6.10 28.92
CA HIS C 56 25.64 6.57 27.60
C HIS C 56 26.65 7.58 27.06
N MET C 57 26.45 8.01 25.82
CA MET C 57 27.42 8.84 25.13
C MET C 57 26.71 9.86 24.26
N GLY C 58 27.27 11.07 24.22
CA GLY C 58 26.82 12.10 23.31
C GLY C 58 27.91 12.50 22.35
N LEU C 59 27.58 12.60 21.07
CA LEU C 59 28.54 12.94 20.03
C LEU C 59 27.91 13.98 19.11
N ALA C 60 28.75 14.76 18.47
CA ALA C 60 28.30 15.82 17.57
C ALA C 60 28.54 15.40 16.12
N ALA C 61 27.52 15.57 15.29
CA ALA C 61 27.69 15.37 13.86
C ALA C 61 26.54 16.03 13.12
N ASN C 62 26.87 16.70 12.03
CA ASN C 62 25.92 17.00 10.98
C ASN C 62 25.78 15.74 10.13
N VAL C 63 24.58 15.15 10.13
CA VAL C 63 24.38 13.86 9.46
C VAL C 63 24.65 13.96 7.96
N ALA C 64 24.68 15.16 7.40
CA ALA C 64 25.00 15.36 6.00
C ALA C 64 26.48 15.59 5.76
N ASN C 65 27.32 15.41 6.77
CA ASN C 65 28.77 15.55 6.66
C ASN C 65 29.39 14.16 6.82
N GLU C 66 29.77 13.55 5.69
CA GLU C 66 30.26 12.19 5.68
C GLU C 66 31.40 11.98 6.68
N GLU C 67 32.41 12.84 6.63
CA GLU C 67 33.59 12.61 7.45
C GLU C 67 33.30 12.80 8.94
N GLN C 68 32.43 13.76 9.28
CA GLN C 68 32.08 13.94 10.68
C GLN C 68 31.26 12.75 11.20
N VAL C 69 30.34 12.24 10.39
CA VAL C 69 29.58 11.07 10.78
C VAL C 69 30.50 9.87 10.99
N LYS C 70 31.42 9.65 10.04
CA LYS C 70 32.32 8.51 10.16
C LYS C 70 33.18 8.64 11.41
N ALA C 71 33.66 9.85 11.71
CA ALA C 71 34.49 10.04 12.90
C ALA C 71 33.68 9.79 14.16
N ALA C 72 32.42 10.22 14.19
CA ALA C 72 31.58 9.99 15.36
C ALA C 72 31.31 8.50 15.55
N VAL C 73 30.99 7.79 14.47
CA VAL C 73 30.73 6.36 14.57
C VAL C 73 31.97 5.63 15.05
N GLU C 74 33.16 6.05 14.58
CA GLU C 74 34.38 5.42 15.04
C GLU C 74 34.60 5.62 16.53
N GLN C 75 34.31 6.83 17.04
CA GLN C 75 34.41 7.06 18.48
C GLN C 75 33.45 6.16 19.25
N ALA C 76 32.23 6.00 18.74
CA ALA C 76 31.26 5.14 19.40
C ALA C 76 31.73 3.69 19.40
N LEU C 77 32.22 3.21 18.26
CA LEU C 77 32.68 1.83 18.16
C LEU C 77 33.90 1.58 19.05
N GLN C 78 34.80 2.57 19.13
CA GLN C 78 35.97 2.41 19.99
C GLN C 78 35.57 2.23 21.44
N HIS C 79 34.50 2.91 21.88
CA HIS C 79 34.10 2.83 23.27
C HIS C 79 33.25 1.60 23.55
N TYR C 80 32.25 1.33 22.70
CA TYR C 80 31.29 0.26 22.95
C TYR C 80 31.63 -1.05 22.23
N GLY C 81 32.46 -1.00 21.18
CA GLY C 81 32.83 -2.18 20.44
C GLY C 81 31.81 -2.68 19.46
N LYS C 82 30.59 -2.13 19.47
CA LYS C 82 29.53 -2.59 18.59
C LYS C 82 28.44 -1.53 18.57
N ILE C 83 27.64 -1.55 17.51
CA ILE C 83 26.38 -0.82 17.43
C ILE C 83 25.33 -1.83 16.96
N ASP C 84 24.44 -2.22 17.86
CA ASP C 84 23.40 -3.18 17.50
C ASP C 84 22.25 -2.53 16.76
N ILE C 85 21.94 -1.28 17.10
CA ILE C 85 20.72 -0.62 16.66
C ILE C 85 21.09 0.79 16.19
N LEU C 86 20.54 1.17 15.03
CA LEU C 86 20.65 2.52 14.52
C LEU C 86 19.25 3.08 14.31
N ILE C 87 18.95 4.20 14.95
CA ILE C 87 17.70 4.91 14.76
C ILE C 87 18.02 6.19 14.01
N ASN C 88 17.66 6.22 12.71
CA ASN C 88 17.87 7.40 11.86
C ASN C 88 16.70 8.36 12.08
N ASN C 89 16.72 9.04 13.21
CA ASN C 89 15.63 9.92 13.60
C ASN C 89 15.83 11.36 13.15
N ALA C 90 17.06 11.77 12.84
CA ALA C 90 17.31 13.15 12.44
C ALA C 90 16.43 13.53 11.25
N GLY C 91 15.91 14.75 11.30
CA GLY C 91 15.05 15.25 10.25
C GLY C 91 14.49 16.61 10.59
N ILE C 92 14.27 17.44 9.57
CA ILE C 92 13.68 18.76 9.76
C ILE C 92 12.51 18.91 8.81
N THR C 93 11.51 19.67 9.23
CA THR C 93 10.35 19.97 8.42
C THR C 93 10.32 21.46 8.10
N GLN C 94 9.49 21.82 7.14
CA GLN C 94 9.36 23.21 6.74
C GLN C 94 7.96 23.42 6.15
N PRO C 95 7.10 24.21 6.81
CA PRO C 95 5.70 24.36 6.33
C PRO C 95 5.57 25.39 5.22
N ILE C 96 6.02 25.01 4.02
CA ILE C 96 5.86 25.83 2.84
C ILE C 96 5.21 24.98 1.76
N LYS C 97 4.71 25.66 0.73
CA LYS C 97 3.98 25.01 -0.36
C LYS C 97 4.89 24.81 -1.57
N THR C 98 4.38 24.04 -2.53
CA THR C 98 5.20 23.56 -3.65
C THR C 98 5.97 24.69 -4.32
N LEU C 99 5.27 25.75 -4.73
CA LEU C 99 5.90 26.79 -5.54
C LEU C 99 6.87 27.66 -4.75
N ASP C 100 6.88 27.55 -3.42
CA ASP C 100 7.77 28.35 -2.59
C ASP C 100 9.05 27.62 -2.21
N ILE C 101 9.21 26.36 -2.61
CA ILE C 101 10.39 25.57 -2.25
C ILE C 101 11.56 26.07 -3.10
N GLN C 102 12.53 26.71 -2.45
CA GLN C 102 13.75 27.13 -3.12
C GLN C 102 14.78 26.00 -3.06
N ARG C 103 15.80 26.13 -3.92
CA ARG C 103 16.88 25.14 -3.93
C ARG C 103 17.44 24.91 -2.53
N SER C 104 17.65 25.99 -1.77
CA SER C 104 18.23 25.85 -0.44
C SER C 104 17.28 25.14 0.53
N ASP C 105 15.96 25.34 0.36
CA ASP C 105 15.00 24.63 1.20
C ASP C 105 15.02 23.13 0.90
N TYR C 106 14.98 22.78 -0.39
CA TYR C 106 15.10 21.40 -0.81
C TYR C 106 16.36 20.76 -0.25
N ASP C 107 17.51 21.45 -0.40
CA ASP C 107 18.78 20.88 0.04
C ASP C 107 18.78 20.62 1.54
N ARG C 108 18.30 21.58 2.33
CA ARG C 108 18.35 21.42 3.78
C ARG C 108 17.48 20.25 4.22
N VAL C 109 16.23 20.18 3.72
CA VAL C 109 15.31 19.16 4.15
C VAL C 109 15.74 17.78 3.67
N LEU C 110 16.15 17.68 2.41
CA LEU C 110 16.62 16.39 1.89
C LEU C 110 17.92 15.94 2.56
N ASP C 111 18.80 16.89 2.90
CA ASP C 111 20.09 16.50 3.48
C ASP C 111 19.92 15.87 4.85
N VAL C 112 19.08 16.45 5.71
CA VAL C 112 18.96 15.93 7.07
C VAL C 112 18.30 14.55 7.05
N SER C 113 17.19 14.42 6.32
CA SER C 113 16.44 13.17 6.32
C SER C 113 17.06 12.12 5.39
N LEU C 114 17.15 12.43 4.10
CA LEU C 114 17.53 11.40 3.13
C LEU C 114 19.04 11.19 3.10
N ARG C 115 19.81 12.23 2.82
CA ARG C 115 21.26 12.05 2.77
C ARG C 115 21.78 11.61 4.12
N GLY C 116 21.25 12.18 5.21
CA GLY C 116 21.69 11.79 6.53
C GLY C 116 21.43 10.32 6.83
N THR C 117 20.26 9.83 6.44
CA THR C 117 19.97 8.40 6.63
C THR C 117 20.94 7.55 5.82
N LEU C 118 21.23 7.94 4.58
CA LEU C 118 22.19 7.18 3.78
C LEU C 118 23.57 7.20 4.43
N ILE C 119 24.04 8.39 4.81
CA ILE C 119 25.40 8.53 5.32
C ILE C 119 25.57 7.78 6.64
N MET C 120 24.62 7.96 7.57
CA MET C 120 24.74 7.27 8.86
C MET C 120 24.61 5.77 8.68
N SER C 121 23.70 5.32 7.81
CA SER C 121 23.59 3.89 7.55
C SER C 121 24.88 3.34 6.94
N GLN C 122 25.45 4.07 5.97
CA GLN C 122 26.72 3.65 5.38
C GLN C 122 27.80 3.53 6.44
N ALA C 123 27.78 4.42 7.43
CA ALA C 123 28.84 4.44 8.44
C ALA C 123 28.72 3.28 9.43
N VAL C 124 27.51 2.78 9.66
CA VAL C 124 27.27 1.79 10.69
C VAL C 124 27.20 0.38 10.12
N ILE C 125 26.76 0.27 8.85
CA ILE C 125 26.56 -1.06 8.26
C ILE C 125 27.81 -1.92 8.30
N PRO C 126 29.01 -1.43 7.99
CA PRO C 126 30.18 -2.32 8.02
C PRO C 126 30.37 -3.04 9.33
N SER C 127 30.24 -2.33 10.46
CA SER C 127 30.39 -2.99 11.75
C SER C 127 29.24 -3.96 12.03
N MET C 128 28.04 -3.65 11.55
CA MET C 128 26.93 -4.57 11.73
C MET C 128 27.16 -5.87 10.95
N LYS C 129 27.69 -5.77 9.73
CA LYS C 129 28.06 -6.97 8.99
C LYS C 129 29.09 -7.77 9.77
N ALA C 130 30.12 -7.11 10.29
CA ALA C 130 31.17 -7.81 11.01
C ALA C 130 30.64 -8.42 12.32
N ASN C 131 29.63 -7.81 12.91
CA ASN C 131 29.08 -8.28 14.18
C ASN C 131 27.97 -9.31 14.01
N GLY C 132 27.59 -9.65 12.78
CA GLY C 132 26.59 -10.67 12.55
C GLY C 132 25.17 -10.19 12.44
N GLY C 133 24.94 -8.89 12.41
CA GLY C 133 23.60 -8.37 12.18
C GLY C 133 23.38 -7.07 12.93
N GLY C 134 22.15 -6.59 12.82
CA GLY C 134 21.75 -5.36 13.48
C GLY C 134 20.33 -5.01 13.08
N SER C 135 19.85 -3.91 13.64
CA SER C 135 18.52 -3.39 13.31
C SER C 135 18.63 -1.91 13.05
N ILE C 136 18.22 -1.49 11.85
CA ILE C 136 18.21 -0.08 11.46
C ILE C 136 16.76 0.35 11.32
N VAL C 137 16.38 1.41 12.03
CA VAL C 137 15.04 1.97 11.97
C VAL C 137 15.15 3.36 11.35
N CYS C 138 14.40 3.58 10.28
CA CYS C 138 14.38 4.86 9.58
C CYS C 138 13.08 5.59 9.88
N LEU C 139 13.19 6.89 10.11
CA LEU C 139 12.03 7.72 10.42
C LEU C 139 11.51 8.35 9.14
N SER C 140 10.29 7.98 8.77
CA SER C 140 9.60 8.59 7.65
C SER C 140 8.45 9.42 8.21
N SER C 141 7.31 9.46 7.51
CA SER C 141 6.18 10.25 7.95
C SER C 141 4.96 9.83 7.14
N VAL C 142 3.78 9.93 7.77
CA VAL C 142 2.54 9.75 7.03
C VAL C 142 2.48 10.70 5.84
N SER C 143 3.15 11.85 5.92
CA SER C 143 3.15 12.80 4.81
C SER C 143 3.76 12.17 3.56
N ALA C 144 4.69 11.24 3.71
CA ALA C 144 5.28 10.55 2.56
C ALA C 144 4.29 9.63 1.87
N GLN C 145 3.26 9.18 2.61
CA GLN C 145 2.32 8.20 2.10
C GLN C 145 1.07 8.85 1.51
N ARG C 146 0.52 9.86 2.19
CA ARG C 146 -0.74 10.46 1.80
C ARG C 146 -0.56 11.79 1.08
N GLY C 147 0.67 12.24 0.87
CA GLY C 147 0.88 13.51 0.18
C GLY C 147 0.68 14.71 1.08
N GLY C 148 1.38 14.72 2.22
CA GLY C 148 1.37 15.89 3.07
C GLY C 148 -0.01 16.26 3.56
N GLY C 149 -0.26 17.56 3.63
CA GLY C 149 -1.50 18.07 4.18
C GLY C 149 -1.52 18.20 5.69
N ILE C 150 -0.40 17.94 6.36
CA ILE C 150 -0.33 18.00 7.81
C ILE C 150 0.46 19.22 8.28
N PHE C 151 1.73 19.32 7.89
CA PHE C 151 2.58 20.43 8.28
C PHE C 151 3.75 20.57 7.32
N GLY C 152 4.56 19.51 7.21
N GLY C 152 4.56 19.51 7.21
CA GLY C 152 5.71 19.58 6.33
CA GLY C 152 5.71 19.58 6.33
C GLY C 152 5.30 19.74 4.88
C GLY C 152 5.30 19.74 4.88
N GLY C 153 6.06 20.56 4.16
CA GLY C 153 5.77 20.83 2.79
C GLY C 153 6.12 19.66 1.88
N PRO C 154 5.87 19.84 0.58
CA PRO C 154 6.06 18.73 -0.37
C PRO C 154 7.49 18.19 -0.41
N HIS C 155 8.50 19.03 -0.16
CA HIS C 155 9.86 18.54 -0.11
C HIS C 155 10.11 17.65 1.10
N TYR C 156 9.39 17.89 2.19
CA TYR C 156 9.45 16.96 3.33
C TYR C 156 8.77 15.65 2.99
N SER C 157 7.58 15.71 2.38
CA SER C 157 6.93 14.49 1.92
C SER C 157 7.85 13.71 0.99
N ALA C 158 8.53 14.41 0.08
CA ALA C 158 9.44 13.75 -0.84
C ALA C 158 10.63 13.15 -0.11
N ALA C 159 11.24 13.91 0.80
CA ALA C 159 12.39 13.40 1.54
C ALA C 159 12.03 12.15 2.32
N LYS C 160 10.89 12.19 3.02
CA LYS C 160 10.50 11.04 3.84
C LYS C 160 10.05 9.87 2.99
N ALA C 161 9.53 10.12 1.80
CA ALA C 161 9.24 9.02 0.88
C ALA C 161 10.54 8.42 0.35
N GLY C 162 11.51 9.26 0.04
CA GLY C 162 12.83 8.77 -0.35
C GLY C 162 13.44 7.87 0.71
N VAL C 163 13.25 8.23 1.99
CA VAL C 163 13.72 7.39 3.09
C VAL C 163 13.12 6.00 3.01
N LEU C 164 11.82 5.90 2.68
CA LEU C 164 11.20 4.60 2.55
C LEU C 164 11.83 3.79 1.44
N GLY C 165 12.06 4.41 0.27
CA GLY C 165 12.70 3.69 -0.81
C GLY C 165 14.11 3.24 -0.45
N LEU C 166 14.87 4.11 0.20
CA LEU C 166 16.22 3.75 0.62
C LEU C 166 16.18 2.61 1.62
N ALA C 167 15.31 2.72 2.64
CA ALA C 167 15.23 1.70 3.67
C ALA C 167 14.90 0.34 3.07
N LYS C 168 13.93 0.29 2.16
CA LYS C 168 13.54 -0.98 1.56
C LYS C 168 14.67 -1.55 0.71
N ALA C 169 15.41 -0.68 0.00
CA ALA C 169 16.53 -1.17 -0.79
C ALA C 169 17.64 -1.72 0.09
N MET C 170 17.92 -1.07 1.22
CA MET C 170 18.93 -1.58 2.13
C MET C 170 18.46 -2.86 2.81
N ALA C 171 17.17 -2.95 3.14
CA ALA C 171 16.62 -4.18 3.69
C ALA C 171 16.89 -5.35 2.75
N ARG C 172 16.62 -5.17 1.46
CA ARG C 172 16.82 -6.24 0.51
C ARG C 172 18.31 -6.56 0.35
N GLU C 173 19.17 -5.54 0.30
CA GLU C 173 20.59 -5.80 0.09
C GLU C 173 21.22 -6.56 1.25
N PHE C 174 20.84 -6.23 2.48
CA PHE C 174 21.56 -6.71 3.66
C PHE C 174 20.80 -7.77 4.45
N GLY C 175 19.70 -8.29 3.90
CA GLY C 175 19.00 -9.36 4.60
C GLY C 175 19.89 -10.54 4.91
N GLY C 176 20.73 -10.93 3.96
CA GLY C 176 21.64 -12.05 4.15
C GLY C 176 22.65 -11.82 5.25
N ASP C 177 22.92 -10.57 5.60
CA ASP C 177 23.79 -10.21 6.71
C ASP C 177 23.03 -10.05 8.01
N GLN C 178 21.74 -10.34 8.01
CA GLN C 178 20.89 -10.21 9.19
C GLN C 178 20.85 -8.77 9.72
N ILE C 179 20.99 -7.81 8.81
CA ILE C 179 20.79 -6.40 9.13
C ILE C 179 19.36 -6.08 8.70
N ARG C 180 18.45 -6.01 9.67
CA ARG C 180 17.08 -5.66 9.40
C ARG C 180 16.97 -4.15 9.23
N VAL C 181 16.21 -3.72 8.24
CA VAL C 181 16.00 -2.30 7.97
C VAL C 181 14.50 -2.09 7.81
N ASN C 182 13.93 -1.25 8.68
CA ASN C 182 12.50 -0.99 8.70
C ASN C 182 12.29 0.49 8.91
N SER C 183 11.07 0.95 8.61
CA SER C 183 10.74 2.36 8.71
C SER C 183 9.50 2.56 9.57
N LEU C 184 9.47 3.72 10.23
CA LEU C 184 8.29 4.19 10.93
C LEU C 184 7.70 5.36 10.16
N THR C 185 6.37 5.39 10.07
CA THR C 185 5.64 6.49 9.44
C THR C 185 4.73 7.12 10.47
N PRO C 186 5.26 7.99 11.33
CA PRO C 186 4.42 8.65 12.32
C PRO C 186 3.41 9.59 11.67
N GLY C 187 2.25 9.71 12.31
CA GLY C 187 1.27 10.68 11.91
C GLY C 187 1.57 12.04 12.47
N LEU C 188 0.54 12.73 12.99
CA LEU C 188 0.74 14.03 13.63
C LEU C 188 1.12 13.77 15.09
N ILE C 189 2.37 14.08 15.42
CA ILE C 189 2.95 13.82 16.74
C ILE C 189 3.15 15.14 17.44
N GLN C 190 2.79 15.18 18.73
CA GLN C 190 2.94 16.38 19.54
C GLN C 190 4.40 16.55 19.90
N THR C 191 5.02 17.61 19.39
CA THR C 191 6.35 18.05 19.79
C THR C 191 6.35 19.58 19.79
N ASP C 192 7.53 20.17 19.93
CA ASP C 192 7.63 21.62 19.90
C ASP C 192 7.33 22.14 18.50
N MET C 198 -1.27 23.66 16.91
CA MET C 198 -2.34 23.33 17.86
C MET C 198 -2.98 24.59 18.42
N ASN C 199 -2.45 25.75 18.04
CA ASN C 199 -3.08 27.03 18.34
C ASN C 199 -3.82 27.61 17.14
N ASP C 200 -3.96 26.83 16.07
CA ASP C 200 -4.63 27.25 14.86
C ASP C 200 -5.93 26.46 14.70
N ASP C 201 -6.93 27.10 14.10
CA ASP C 201 -8.20 26.43 13.85
C ASP C 201 -8.04 25.22 12.95
N ARG C 202 -6.95 25.14 12.18
CA ARG C 202 -6.72 23.98 11.32
C ARG C 202 -6.56 22.70 12.12
N ARG C 203 -6.30 22.79 13.42
CA ARG C 203 -6.14 21.58 14.22
C ARG C 203 -7.42 20.74 14.23
N HIS C 204 -8.58 21.39 14.15
CA HIS C 204 -9.84 20.66 14.25
C HIS C 204 -10.01 19.69 13.08
N ASP C 205 -9.70 20.15 11.86
CA ASP C 205 -9.86 19.28 10.70
C ASP C 205 -8.98 18.04 10.79
N ILE C 206 -7.73 18.22 11.20
CA ILE C 206 -6.79 17.10 11.28
C ILE C 206 -7.27 16.09 12.32
N LEU C 207 -7.59 16.57 13.53
CA LEU C 207 -8.02 15.66 14.58
C LEU C 207 -9.31 14.93 14.20
N ALA C 208 -10.20 15.61 13.49
CA ALA C 208 -11.43 14.96 13.03
C ALA C 208 -11.14 13.77 12.14
N GLY C 209 -9.98 13.75 11.48
CA GLY C 209 -9.59 12.65 10.63
C GLY C 209 -8.75 11.59 11.30
N ILE C 210 -8.65 11.60 12.63
CA ILE C 210 -7.90 10.61 13.38
C ILE C 210 -8.89 9.76 14.17
N PRO C 211 -9.14 8.50 13.77
CA PRO C 211 -10.12 7.69 14.49
C PRO C 211 -9.88 7.57 15.99
N LEU C 212 -8.63 7.45 16.42
CA LEU C 212 -8.36 7.37 17.86
C LEU C 212 -8.60 8.70 18.56
N GLY C 213 -8.76 9.79 17.82
CA GLY C 213 -9.21 11.04 18.40
C GLY C 213 -8.19 11.81 19.21
N ARG C 214 -6.91 11.57 18.98
CA ARG C 214 -5.87 12.33 19.67
C ARG C 214 -4.65 12.41 18.78
N LEU C 215 -3.78 13.38 19.09
CA LEU C 215 -2.49 13.43 18.44
C LEU C 215 -1.58 12.36 19.02
N GLY C 216 -0.57 11.99 18.23
CA GLY C 216 0.43 11.07 18.73
C GLY C 216 1.37 11.74 19.71
N LYS C 217 2.00 10.92 20.53
CA LYS C 217 3.02 11.37 21.48
C LYS C 217 4.38 10.86 21.01
N ALA C 218 5.42 11.59 21.39
CA ALA C 218 6.78 11.13 21.11
C ALA C 218 6.96 9.70 21.62
N GLN C 219 6.36 9.38 22.76
CA GLN C 219 6.50 8.06 23.34
C GLN C 219 5.87 6.99 22.45
N ASP C 220 4.80 7.32 21.73
CA ASP C 220 4.20 6.36 20.82
C ASP C 220 5.18 5.94 19.73
N VAL C 221 5.87 6.92 19.14
CA VAL C 221 6.85 6.60 18.12
C VAL C 221 8.01 5.84 18.72
N ALA C 222 8.47 6.25 19.91
CA ALA C 222 9.56 5.56 20.59
C ALA C 222 9.23 4.11 20.83
N ASN C 223 7.99 3.80 21.22
CA ASN C 223 7.61 2.43 21.50
C ASN C 223 7.59 1.57 20.24
N ALA C 224 7.21 2.16 19.10
CA ALA C 224 7.28 1.43 17.84
C ALA C 224 8.73 1.22 17.43
N ALA C 225 9.59 2.21 17.66
CA ALA C 225 11.01 2.02 17.41
C ALA C 225 11.59 0.93 18.30
N LEU C 226 11.15 0.89 19.56
CA LEU C 226 11.59 -0.17 20.46
C LEU C 226 11.23 -1.54 19.90
N PHE C 227 10.00 -1.69 19.41
CA PHE C 227 9.58 -2.94 18.80
C PHE C 227 10.52 -3.34 17.67
N LEU C 228 10.77 -2.41 16.74
CA LEU C 228 11.60 -2.73 15.58
C LEU C 228 13.06 -2.94 15.95
N ALA C 229 13.53 -2.28 17.02
CA ALA C 229 14.92 -2.45 17.45
C ALA C 229 15.13 -3.75 18.20
N SER C 230 14.08 -4.31 18.79
CA SER C 230 14.17 -5.45 19.67
C SER C 230 14.02 -6.76 18.90
N ASP C 231 14.27 -7.87 19.61
CA ASP C 231 14.09 -9.20 19.03
C ASP C 231 12.62 -9.56 18.84
N LEU C 232 11.69 -8.74 19.35
CA LEU C 232 10.29 -8.99 19.10
C LEU C 232 9.94 -8.86 17.62
N SER C 233 10.81 -8.24 16.83
CA SER C 233 10.59 -8.05 15.40
C SER C 233 11.67 -8.74 14.58
N ALA C 234 12.24 -9.84 15.10
CA ALA C 234 13.38 -10.49 14.47
C ALA C 234 13.10 -10.95 13.05
N TYR C 235 11.84 -11.16 12.67
CA TYR C 235 11.50 -11.62 11.33
C TYR C 235 10.97 -10.50 10.44
N LEU C 236 11.13 -9.24 10.85
CA LEU C 236 10.64 -8.10 10.08
C LEU C 236 11.81 -7.37 9.45
N THR C 237 11.78 -7.27 8.12
CA THR C 237 12.67 -6.37 7.41
C THR C 237 11.94 -5.84 6.19
N GLY C 238 12.24 -4.60 5.82
CA GLY C 238 11.53 -3.94 4.75
C GLY C 238 10.14 -3.47 5.11
N VAL C 239 9.78 -3.44 6.38
CA VAL C 239 8.44 -3.09 6.83
C VAL C 239 8.34 -1.59 6.97
N THR C 240 7.17 -1.04 6.64
CA THR C 240 6.81 0.33 6.94
C THR C 240 5.70 0.26 7.98
N LEU C 241 5.99 0.74 9.19
CA LEU C 241 5.09 0.61 10.33
C LEU C 241 4.45 1.97 10.60
N ASP C 242 3.15 2.06 10.34
CA ASP C 242 2.39 3.29 10.54
C ASP C 242 2.12 3.52 12.03
N VAL C 243 2.39 4.74 12.49
CA VAL C 243 2.08 5.14 13.86
C VAL C 243 1.27 6.43 13.78
N ASN C 244 0.00 6.33 13.38
CA ASN C 244 -0.75 7.51 12.97
C ASN C 244 -2.17 7.57 13.54
N GLY C 245 -2.54 6.67 14.45
CA GLY C 245 -3.84 6.73 15.10
C GLY C 245 -5.01 6.46 14.19
N GLY C 246 -4.75 5.90 13.01
CA GLY C 246 -5.78 5.72 12.01
C GLY C 246 -5.92 6.88 11.05
N MET C 247 -5.11 7.93 11.20
CA MET C 247 -5.16 9.06 10.27
C MET C 247 -5.06 8.57 8.83
N LEU C 248 -4.24 7.55 8.58
CA LEU C 248 -4.16 6.91 7.27
C LEU C 248 -4.33 5.41 7.48
N ILE C 249 -5.47 4.89 7.02
CA ILE C 249 -5.73 3.46 6.94
C ILE C 249 -5.73 3.10 5.47
N HIS C 250 -4.94 2.09 5.12
CA HIS C 250 -4.72 1.74 3.72
C HIS C 250 -4.22 0.31 3.59
N MET D 2 5.50 -6.56 33.43
CA MET D 2 5.30 -7.32 32.16
C MET D 2 4.33 -6.57 31.25
N LEU D 3 4.45 -6.80 29.94
CA LEU D 3 3.75 -5.97 28.96
C LEU D 3 2.24 -6.10 29.06
N LEU D 4 1.74 -7.26 29.51
CA LEU D 4 0.30 -7.52 29.59
C LEU D 4 -0.16 -7.73 31.02
N GLN D 5 0.52 -7.12 31.98
CA GLN D 5 0.20 -7.31 33.38
C GLN D 5 -1.26 -6.91 33.65
N GLY D 6 -2.01 -7.82 34.25
CA GLY D 6 -3.38 -7.54 34.62
C GLY D 6 -4.38 -7.60 33.49
N LYS D 7 -3.97 -8.01 32.29
CA LYS D 7 -4.84 -8.03 31.13
C LYS D 7 -5.45 -9.41 30.94
N VAL D 8 -6.59 -9.43 30.26
CA VAL D 8 -7.29 -10.66 29.90
C VAL D 8 -7.36 -10.72 28.38
N ALA D 9 -6.91 -11.84 27.82
CA ALA D 9 -6.84 -12.00 26.37
C ALA D 9 -7.57 -13.27 25.95
N LEU D 10 -8.42 -13.15 24.94
CA LEU D 10 -9.10 -14.30 24.34
C LEU D 10 -8.44 -14.59 22.99
N ILE D 11 -7.99 -15.82 22.80
CA ILE D 11 -7.27 -16.24 21.59
C ILE D 11 -8.01 -17.43 21.00
N THR D 12 -8.48 -17.27 19.77
CA THR D 12 -9.16 -18.36 19.08
C THR D 12 -8.15 -19.24 18.34
N GLY D 13 -8.47 -20.53 18.24
CA GLY D 13 -7.65 -21.46 17.50
C GLY D 13 -6.30 -21.76 18.14
N ALA D 14 -6.22 -21.72 19.47
CA ALA D 14 -4.95 -21.84 20.18
C ALA D 14 -4.80 -23.17 20.91
N ALA D 15 -5.64 -24.16 20.59
CA ALA D 15 -5.57 -25.44 21.31
C ALA D 15 -4.39 -26.29 20.85
N SER D 16 -4.06 -26.27 19.56
CA SER D 16 -3.00 -27.11 19.05
C SER D 16 -1.64 -26.63 19.55
N GLU D 17 -0.77 -27.59 19.89
CA GLU D 17 0.51 -27.25 20.51
C GLU D 17 1.44 -26.52 19.56
N ARG D 18 1.36 -26.79 18.26
CA ARG D 18 2.31 -26.26 17.29
C ARG D 18 1.81 -25.03 16.55
N GLY D 19 0.65 -24.49 16.92
CA GLY D 19 0.05 -23.40 16.18
C GLY D 19 0.52 -22.01 16.63
N ILE D 20 0.24 -21.04 15.77
CA ILE D 20 0.47 -19.64 16.12
C ILE D 20 -0.35 -19.27 17.35
N GLY D 21 -1.57 -19.80 17.45
CA GLY D 21 -2.42 -19.46 18.58
C GLY D 21 -1.79 -19.85 19.90
N ARG D 22 -1.31 -21.10 20.00
CA ARG D 22 -0.71 -21.55 21.25
C ARG D 22 0.56 -20.76 21.56
N ALA D 23 1.38 -20.49 20.55
CA ALA D 23 2.58 -19.69 20.78
C ALA D 23 2.22 -18.31 21.30
N THR D 24 1.15 -17.72 20.78
CA THR D 24 0.69 -16.43 21.27
C THR D 24 0.19 -16.54 22.71
N ALA D 25 -0.59 -17.59 23.01
CA ALA D 25 -1.06 -17.78 24.38
C ALA D 25 0.11 -17.92 25.35
N GLU D 26 1.14 -18.67 24.97
CA GLU D 26 2.29 -18.86 25.85
C GLU D 26 2.99 -17.53 26.12
N ILE D 27 3.27 -16.76 25.07
CA ILE D 27 3.97 -15.50 25.24
C ILE D 27 3.10 -14.51 26.01
N PHE D 28 1.80 -14.50 25.74
CA PHE D 28 0.91 -13.61 26.48
C PHE D 28 0.90 -13.96 27.96
N ALA D 29 0.83 -15.26 28.29
CA ALA D 29 0.87 -15.67 29.69
C ALA D 29 2.20 -15.29 30.33
N GLN D 30 3.30 -15.48 29.61
CA GLN D 30 4.61 -15.06 30.13
C GLN D 30 4.64 -13.57 30.43
N GLN D 31 3.88 -12.77 29.66
CA GLN D 31 3.84 -11.33 29.85
C GLN D 31 2.74 -10.89 30.82
N GLY D 32 2.17 -11.81 31.58
CA GLY D 32 1.29 -11.47 32.68
C GLY D 32 -0.19 -11.54 32.38
N ALA D 33 -0.60 -11.88 31.16
CA ALA D 33 -2.01 -11.93 30.83
C ALA D 33 -2.63 -13.24 31.31
N LYS D 34 -3.93 -13.19 31.58
CA LYS D 34 -4.74 -14.39 31.71
C LYS D 34 -5.37 -14.64 30.35
N VAL D 35 -5.33 -15.90 29.91
CA VAL D 35 -5.64 -16.25 28.53
C VAL D 35 -6.87 -17.16 28.52
N ILE D 36 -7.82 -16.84 27.64
CA ILE D 36 -8.95 -17.70 27.34
C ILE D 36 -8.68 -18.29 25.96
N ILE D 37 -8.48 -19.60 25.91
CA ILE D 37 -8.31 -20.30 24.64
C ILE D 37 -9.68 -20.79 24.19
N VAL D 38 -10.07 -20.42 22.97
CA VAL D 38 -11.32 -20.85 22.37
C VAL D 38 -10.98 -21.63 21.11
N ASP D 39 -11.39 -22.90 21.06
CA ASP D 39 -11.13 -23.74 19.90
C ASP D 39 -12.26 -24.76 19.79
N LEU D 40 -12.14 -25.67 18.81
CA LEU D 40 -13.24 -26.57 18.50
C LEU D 40 -13.45 -27.63 19.58
N ASP D 41 -12.36 -28.13 20.17
CA ASP D 41 -12.42 -29.26 21.09
C ASP D 41 -12.29 -28.74 22.53
N LEU D 42 -13.30 -29.04 23.36
CA LEU D 42 -13.30 -28.54 24.73
C LEU D 42 -12.13 -29.10 25.52
N ALA D 43 -11.96 -30.42 25.50
CA ALA D 43 -10.90 -31.03 26.28
C ALA D 43 -9.53 -30.52 25.87
N GLN D 44 -9.29 -30.41 24.55
CA GLN D 44 -8.01 -29.90 24.09
C GLN D 44 -7.79 -28.46 24.50
N SER D 45 -8.84 -27.64 24.45
CA SER D 45 -8.71 -26.24 24.86
C SER D 45 -8.46 -26.14 26.36
N GLN D 46 -9.18 -26.93 27.16
CA GLN D 46 -8.94 -26.92 28.60
C GLN D 46 -7.53 -27.39 28.92
N ASN D 47 -7.05 -28.44 28.27
CA ASN D 47 -5.71 -28.93 28.52
C ASN D 47 -4.67 -27.90 28.13
N ALA D 48 -4.89 -27.19 27.01
CA ALA D 48 -3.96 -26.14 26.59
C ALA D 48 -3.94 -25.01 27.61
N ALA D 49 -5.11 -24.60 28.12
CA ALA D 49 -5.15 -23.53 29.10
C ALA D 49 -4.42 -23.92 30.37
N LYS D 50 -4.60 -25.16 30.83
CA LYS D 50 -3.89 -25.60 32.03
C LYS D 50 -2.39 -25.68 31.79
N ALA D 51 -1.96 -25.99 30.57
CA ALA D 51 -0.54 -26.03 30.26
C ALA D 51 0.10 -24.65 30.32
N LEU D 52 -0.68 -23.58 30.14
CA LEU D 52 -0.13 -22.23 30.22
C LEU D 52 0.29 -21.90 31.64
N GLY D 53 -0.46 -22.37 32.62
CA GLY D 53 -0.19 -22.07 34.00
C GLY D 53 -1.49 -22.02 34.78
N GLU D 54 -1.56 -21.08 35.72
CA GLU D 54 -2.70 -20.93 36.61
C GLU D 54 -3.54 -19.72 36.21
N GLY D 55 -4.85 -19.85 36.35
CA GLY D 55 -5.75 -18.74 36.13
C GLY D 55 -6.26 -18.57 34.71
N HIS D 56 -5.97 -19.52 33.82
CA HIS D 56 -6.41 -19.45 32.44
C HIS D 56 -7.66 -20.29 32.23
N MET D 57 -8.21 -20.22 31.02
CA MET D 57 -9.48 -20.86 30.73
C MET D 57 -9.49 -21.42 29.32
N GLY D 58 -10.09 -22.58 29.16
CA GLY D 58 -10.30 -23.18 27.86
C GLY D 58 -11.77 -23.41 27.58
N LEU D 59 -12.24 -22.97 26.42
CA LEU D 59 -13.63 -23.08 26.04
C LEU D 59 -13.73 -23.61 24.62
N ALA D 60 -14.87 -24.22 24.31
CA ALA D 60 -15.11 -24.83 23.00
C ALA D 60 -16.11 -23.99 22.22
N ALA D 61 -15.76 -23.68 20.97
CA ALA D 61 -16.69 -22.99 20.10
C ALA D 61 -16.18 -23.05 18.67
N ASN D 62 -17.10 -23.20 17.73
CA ASN D 62 -16.84 -22.93 16.33
C ASN D 62 -17.02 -21.43 16.11
N VAL D 63 -15.94 -20.74 15.73
CA VAL D 63 -16.00 -19.28 15.61
C VAL D 63 -17.03 -18.84 14.60
N ALA D 64 -17.45 -19.72 13.70
CA ALA D 64 -18.49 -19.39 12.71
C ALA D 64 -19.89 -19.72 13.22
N ASN D 65 -20.02 -20.06 14.50
CA ASN D 65 -21.31 -20.43 15.10
C ASN D 65 -21.66 -19.38 16.14
N GLU D 66 -22.65 -18.53 15.81
CA GLU D 66 -22.99 -17.41 16.69
C GLU D 66 -23.35 -17.87 18.09
N GLU D 67 -24.16 -18.92 18.20
CA GLU D 67 -24.62 -19.36 19.51
C GLU D 67 -23.45 -19.85 20.36
N GLN D 68 -22.55 -20.63 19.77
CA GLN D 68 -21.41 -21.15 20.53
C GLN D 68 -20.45 -20.04 20.92
N VAL D 69 -20.24 -19.07 20.03
CA VAL D 69 -19.37 -17.94 20.37
C VAL D 69 -19.97 -17.13 21.52
N LYS D 70 -21.28 -16.86 21.44
CA LYS D 70 -21.94 -16.11 22.51
C LYS D 70 -21.77 -16.81 23.85
N ALA D 71 -21.97 -18.13 23.87
CA ALA D 71 -21.85 -18.88 25.12
C ALA D 71 -20.43 -18.80 25.67
N ALA D 72 -19.42 -18.92 24.81
CA ALA D 72 -18.04 -18.90 25.26
C ALA D 72 -17.67 -17.52 25.82
N VAL D 73 -18.03 -16.46 25.10
CA VAL D 73 -17.69 -15.11 25.56
C VAL D 73 -18.40 -14.80 26.88
N GLU D 74 -19.64 -15.24 27.02
CA GLU D 74 -20.37 -15.02 28.27
C GLU D 74 -19.69 -15.72 29.44
N GLN D 75 -19.26 -16.96 29.23
CA GLN D 75 -18.54 -17.66 30.30
C GLN D 75 -17.24 -16.96 30.64
N ALA D 76 -16.52 -16.49 29.63
CA ALA D 76 -15.27 -15.77 29.88
C ALA D 76 -15.52 -14.48 30.66
N LEU D 77 -16.55 -13.73 30.28
CA LEU D 77 -16.84 -12.47 30.97
C LEU D 77 -17.34 -12.72 32.39
N GLN D 78 -18.13 -13.79 32.59
CA GLN D 78 -18.60 -14.09 33.93
C GLN D 78 -17.46 -14.39 34.88
N HIS D 79 -16.37 -14.98 34.39
CA HIS D 79 -15.24 -15.33 35.23
C HIS D 79 -14.26 -14.17 35.39
N TYR D 80 -13.88 -13.54 34.28
CA TYR D 80 -12.85 -12.50 34.32
C TYR D 80 -13.41 -11.09 34.40
N GLY D 81 -14.69 -10.89 34.06
CA GLY D 81 -15.32 -9.59 34.12
C GLY D 81 -14.95 -8.65 33.00
N LYS D 82 -13.96 -8.98 32.19
CA LYS D 82 -13.52 -8.12 31.10
C LYS D 82 -12.70 -8.94 30.12
N ILE D 83 -12.63 -8.45 28.89
CA ILE D 83 -11.72 -8.97 27.88
C ILE D 83 -10.99 -7.77 27.29
N ASP D 84 -9.71 -7.64 27.60
CA ASP D 84 -8.92 -6.51 27.11
C ASP D 84 -8.44 -6.72 25.68
N ILE D 85 -8.18 -7.96 25.29
CA ILE D 85 -7.49 -8.29 24.06
C ILE D 85 -8.22 -9.44 23.39
N LEU D 86 -8.45 -9.34 22.09
CA LEU D 86 -9.00 -10.42 21.29
C LEU D 86 -8.03 -10.71 20.15
N ILE D 87 -7.54 -11.93 20.08
CA ILE D 87 -6.69 -12.39 18.98
C ILE D 87 -7.53 -13.34 18.14
N ASN D 88 -7.95 -12.87 16.96
CA ASN D 88 -8.74 -13.67 16.02
C ASN D 88 -7.79 -14.52 15.17
N ASN D 89 -7.22 -15.53 15.81
CA ASN D 89 -6.22 -16.37 15.16
C ASN D 89 -6.82 -17.55 14.41
N ALA D 90 -8.04 -17.97 14.73
CA ALA D 90 -8.64 -19.11 14.07
C ALA D 90 -8.65 -18.90 12.56
N GLY D 91 -8.32 -19.97 11.84
CA GLY D 91 -8.29 -19.94 10.39
C GLY D 91 -7.84 -21.27 9.82
N ILE D 92 -8.34 -21.61 8.62
CA ILE D 92 -7.92 -22.82 7.93
C ILE D 92 -7.50 -22.44 6.53
N THR D 93 -6.66 -23.30 5.94
CA THR D 93 -6.18 -23.11 4.59
C THR D 93 -6.46 -24.36 3.78
N GLN D 94 -6.37 -24.22 2.47
CA GLN D 94 -6.58 -25.33 1.55
CA GLN D 94 -6.60 -25.32 1.54
C GLN D 94 -5.77 -25.08 0.29
N PRO D 95 -4.89 -26.03 -0.11
CA PRO D 95 -4.07 -25.79 -1.31
C PRO D 95 -4.74 -26.28 -2.59
N ILE D 96 -5.77 -25.55 -3.01
CA ILE D 96 -6.47 -25.86 -4.25
C ILE D 96 -6.55 -24.60 -5.10
N LYS D 97 -6.51 -24.80 -6.42
CA LYS D 97 -6.41 -23.71 -7.37
C LYS D 97 -7.79 -23.18 -7.75
N THR D 98 -7.79 -22.06 -8.47
CA THR D 98 -9.01 -21.30 -8.73
C THR D 98 -10.16 -22.18 -9.21
N LEU D 99 -9.93 -22.96 -10.28
CA LEU D 99 -11.03 -23.66 -10.92
C LEU D 99 -11.52 -24.86 -10.11
N ASP D 100 -10.81 -25.25 -9.07
CA ASP D 100 -11.20 -26.41 -8.26
C ASP D 100 -11.92 -26.03 -6.97
N ILE D 101 -12.10 -24.74 -6.71
CA ILE D 101 -12.76 -24.31 -5.48
C ILE D 101 -14.27 -24.56 -5.60
N GLN D 102 -14.77 -25.45 -4.77
CA GLN D 102 -16.20 -25.74 -4.72
C GLN D 102 -16.88 -24.90 -3.65
N ARG D 103 -18.21 -24.86 -3.70
CA ARG D 103 -18.99 -24.08 -2.74
C ARG D 103 -18.59 -24.41 -1.30
N SER D 104 -18.46 -25.71 -0.99
CA SER D 104 -18.14 -26.10 0.38
C SER D 104 -16.72 -25.67 0.78
N ASP D 105 -15.78 -25.66 -0.17
CA ASP D 105 -14.43 -25.18 0.11
C ASP D 105 -14.45 -23.69 0.44
N TYR D 106 -15.10 -22.91 -0.42
CA TYR D 106 -15.26 -21.48 -0.19
C TYR D 106 -15.90 -21.23 1.17
N ASP D 107 -17.00 -21.92 1.47
CA ASP D 107 -17.71 -21.68 2.72
C ASP D 107 -16.84 -21.98 3.93
N ARG D 108 -16.16 -23.14 3.93
CA ARG D 108 -15.36 -23.53 5.08
C ARG D 108 -14.24 -22.52 5.33
N VAL D 109 -13.49 -22.17 4.28
CA VAL D 109 -12.34 -21.28 4.45
C VAL D 109 -12.80 -19.88 4.84
N LEU D 110 -13.82 -19.35 4.17
CA LEU D 110 -14.31 -18.02 4.51
C LEU D 110 -14.93 -18.00 5.90
N ASP D 111 -15.58 -19.08 6.30
CA ASP D 111 -16.27 -19.10 7.60
C ASP D 111 -15.28 -18.98 8.75
N VAL D 112 -14.20 -19.76 8.74
CA VAL D 112 -13.31 -19.77 9.89
C VAL D 112 -12.60 -18.43 10.03
N SER D 113 -12.07 -17.90 8.93
CA SER D 113 -11.30 -16.66 8.99
C SER D 113 -12.20 -15.43 9.02
N LEU D 114 -13.01 -15.23 7.98
CA LEU D 114 -13.75 -13.99 7.85
C LEU D 114 -14.98 -13.97 8.75
N ARG D 115 -15.89 -14.93 8.58
CA ARG D 115 -17.09 -14.92 9.41
C ARG D 115 -16.74 -15.08 10.88
N GLY D 116 -15.76 -15.92 11.19
CA GLY D 116 -15.34 -16.09 12.57
C GLY D 116 -14.79 -14.82 13.18
N THR D 117 -13.98 -14.07 12.41
CA THR D 117 -13.49 -12.80 12.91
C THR D 117 -14.63 -11.83 13.18
N LEU D 118 -15.63 -11.80 12.29
CA LEU D 118 -16.78 -10.94 12.50
C LEU D 118 -17.56 -11.36 13.74
N ILE D 119 -17.89 -12.65 13.84
CA ILE D 119 -18.74 -13.13 14.93
C ILE D 119 -18.06 -12.94 16.28
N MET D 120 -16.77 -13.32 16.36
CA MET D 120 -16.07 -13.17 17.62
CA MET D 120 -16.02 -13.16 17.61
C MET D 120 -15.90 -11.69 17.99
N SER D 121 -15.60 -10.84 17.00
CA SER D 121 -15.46 -9.42 17.28
C SER D 121 -16.79 -8.82 17.74
N GLN D 122 -17.88 -9.19 17.07
CA GLN D 122 -19.20 -8.73 17.48
C GLN D 122 -19.50 -9.12 18.93
N ALA D 123 -19.05 -10.30 19.34
CA ALA D 123 -19.36 -10.80 20.68
C ALA D 123 -18.56 -10.10 21.76
N VAL D 124 -17.37 -9.60 21.43
CA VAL D 124 -16.45 -9.04 22.42
C VAL D 124 -16.52 -7.52 22.45
N ILE D 125 -16.85 -6.91 21.31
CA ILE D 125 -16.82 -5.44 21.22
C ILE D 125 -17.71 -4.78 22.26
N PRO D 126 -18.94 -5.22 22.52
CA PRO D 126 -19.77 -4.53 23.52
C PRO D 126 -19.10 -4.39 24.88
N SER D 127 -18.46 -5.45 25.38
CA SER D 127 -17.78 -5.35 26.67
C SER D 127 -16.58 -4.41 26.58
N MET D 128 -15.84 -4.46 25.47
CA MET D 128 -14.71 -3.55 25.31
C MET D 128 -15.17 -2.10 25.30
N LYS D 129 -16.24 -1.80 24.57
CA LYS D 129 -16.77 -0.45 24.56
C LYS D 129 -17.16 -0.01 25.96
N ALA D 130 -17.85 -0.88 26.71
CA ALA D 130 -18.27 -0.54 28.06
C ALA D 130 -17.09 -0.37 29.00
N ASN D 131 -16.01 -1.11 28.80
CA ASN D 131 -14.86 -1.08 29.68
C ASN D 131 -13.82 -0.02 29.28
N GLY D 132 -14.09 0.76 28.25
CA GLY D 132 -13.22 1.87 27.90
C GLY D 132 -12.20 1.61 26.81
N GLY D 133 -12.24 0.45 26.17
CA GLY D 133 -11.38 0.19 25.03
C GLY D 133 -10.89 -1.24 25.03
N GLY D 134 -9.99 -1.52 24.09
CA GLY D 134 -9.41 -2.83 23.95
C GLY D 134 -8.55 -2.88 22.72
N SER D 135 -8.00 -4.06 22.46
CA SER D 135 -7.16 -4.30 21.29
C SER D 135 -7.59 -5.59 20.64
N ILE D 136 -7.95 -5.52 19.36
CA ILE D 136 -8.33 -6.68 18.56
C ILE D 136 -7.26 -6.87 17.49
N VAL D 137 -6.71 -8.08 17.43
CA VAL D 137 -5.70 -8.44 16.44
C VAL D 137 -6.29 -9.50 15.53
N CYS D 138 -6.27 -9.23 14.23
CA CYS D 138 -6.79 -10.14 13.24
C CYS D 138 -5.63 -10.78 12.46
N LEU D 139 -5.82 -12.04 12.09
CA LEU D 139 -4.80 -12.81 11.40
C LEU D 139 -5.13 -12.86 9.91
N SER D 140 -4.31 -12.20 9.10
CA SER D 140 -4.40 -12.27 7.66
C SER D 140 -3.22 -13.13 7.16
N SER D 141 -2.67 -12.78 6.00
CA SER D 141 -1.59 -13.56 5.41
C SER D 141 -0.98 -12.74 4.29
N VAL D 142 0.33 -12.95 4.06
CA VAL D 142 0.97 -12.38 2.88
C VAL D 142 0.24 -12.80 1.61
N SER D 143 -0.44 -13.95 1.64
CA SER D 143 -1.17 -14.40 0.47
C SER D 143 -2.27 -13.41 0.08
N ALA D 144 -2.86 -12.72 1.06
CA ALA D 144 -3.87 -11.71 0.77
C ALA D 144 -3.29 -10.50 0.06
N GLN D 145 -1.99 -10.26 0.20
CA GLN D 145 -1.34 -9.09 -0.36
C GLN D 145 -0.71 -9.36 -1.73
N ARG D 146 0.00 -10.48 -1.85
CA ARG D 146 0.76 -10.79 -3.06
C ARG D 146 0.01 -11.69 -4.02
N GLY D 147 -1.19 -12.14 -3.67
CA GLY D 147 -1.95 -13.02 -4.53
C GLY D 147 -1.51 -14.46 -4.42
N GLY D 148 -1.47 -14.98 -3.21
CA GLY D 148 -1.17 -16.39 -3.01
C GLY D 148 0.21 -16.75 -3.50
N GLY D 149 0.32 -17.95 -4.08
CA GLY D 149 1.57 -18.46 -4.56
C GLY D 149 2.41 -19.15 -3.50
N ILE D 150 1.90 -19.29 -2.28
CA ILE D 150 2.63 -19.91 -1.18
C ILE D 150 2.07 -21.30 -0.87
N PHE D 151 0.81 -21.37 -0.43
CA PHE D 151 0.18 -22.64 -0.13
C PHE D 151 -1.33 -22.53 -0.26
N GLY D 152 -1.94 -21.62 0.48
CA GLY D 152 -3.38 -21.46 0.42
C GLY D 152 -3.83 -21.01 -0.96
N GLY D 153 -4.97 -21.55 -1.40
CA GLY D 153 -5.52 -21.22 -2.68
C GLY D 153 -6.20 -19.86 -2.71
N PRO D 154 -6.74 -19.51 -3.87
CA PRO D 154 -7.31 -18.15 -4.03
C PRO D 154 -8.43 -17.82 -3.06
N HIS D 155 -9.21 -18.82 -2.62
CA HIS D 155 -10.24 -18.54 -1.62
C HIS D 155 -9.62 -18.24 -0.25
N TYR D 156 -8.44 -18.79 0.03
CA TYR D 156 -7.72 -18.42 1.24
C TYR D 156 -7.19 -17.00 1.13
N SER D 157 -6.58 -16.66 0.00
CA SER D 157 -6.14 -15.29 -0.23
C SER D 157 -7.31 -14.32 -0.10
N ALA D 158 -8.47 -14.69 -0.66
CA ALA D 158 -9.64 -13.84 -0.58
C ALA D 158 -10.13 -13.70 0.86
N ALA D 159 -10.21 -14.82 1.59
CA ALA D 159 -10.67 -14.78 2.96
C ALA D 159 -9.77 -13.89 3.82
N LYS D 160 -8.45 -14.05 3.66
CA LYS D 160 -7.52 -13.27 4.47
C LYS D 160 -7.49 -11.82 4.04
N ALA D 161 -7.75 -11.53 2.77
CA ALA D 161 -7.91 -10.14 2.35
C ALA D 161 -9.20 -9.56 2.91
N GLY D 162 -10.27 -10.36 2.93
CA GLY D 162 -11.50 -9.91 3.55
C GLY D 162 -11.31 -9.57 5.02
N VAL D 163 -10.49 -10.34 5.72
CA VAL D 163 -10.18 -10.04 7.11
C VAL D 163 -9.57 -8.64 7.23
N LEU D 164 -8.68 -8.29 6.31
CA LEU D 164 -8.07 -6.96 6.33
C LEU D 164 -9.12 -5.87 6.17
N GLY D 165 -10.02 -6.03 5.19
CA GLY D 165 -11.06 -5.04 4.99
C GLY D 165 -11.97 -4.90 6.20
N LEU D 166 -12.35 -6.04 6.81
CA LEU D 166 -13.18 -6.01 8.00
C LEU D 166 -12.45 -5.33 9.16
N ALA D 167 -11.19 -5.71 9.37
CA ALA D 167 -10.42 -5.13 10.47
C ALA D 167 -10.31 -3.62 10.33
N LYS D 168 -10.02 -3.15 9.12
CA LYS D 168 -9.89 -1.71 8.90
C LYS D 168 -11.22 -1.00 9.13
N ALA D 169 -12.33 -1.60 8.68
CA ALA D 169 -13.63 -0.98 8.89
C ALA D 169 -13.99 -0.93 10.36
N MET D 170 -13.66 -1.97 11.12
CA MET D 170 -13.93 -1.95 12.55
C MET D 170 -13.01 -0.96 13.25
N ALA D 171 -11.76 -0.85 12.80
CA ALA D 171 -10.85 0.14 13.37
C ALA D 171 -11.42 1.54 13.23
N ARG D 172 -11.95 1.86 12.05
CA ARG D 172 -12.50 3.20 11.83
C ARG D 172 -13.77 3.40 12.66
N GLU D 173 -14.64 2.39 12.72
CA GLU D 173 -15.90 2.57 13.44
C GLU D 173 -15.67 2.78 14.94
N PHE D 174 -14.75 2.03 15.54
CA PHE D 174 -14.61 1.98 16.98
C PHE D 174 -13.41 2.74 17.51
N GLY D 175 -12.75 3.54 16.67
CA GLY D 175 -11.64 4.35 17.15
C GLY D 175 -12.03 5.26 18.30
N GLY D 176 -13.20 5.90 18.20
CA GLY D 176 -13.68 6.76 19.26
C GLY D 176 -13.94 6.06 20.57
N ASP D 177 -14.18 4.74 20.52
CA ASP D 177 -14.32 3.93 21.71
C ASP D 177 -12.99 3.37 22.20
N GLN D 178 -11.88 3.76 21.57
CA GLN D 178 -10.55 3.30 21.94
C GLN D 178 -10.41 1.79 21.81
N ILE D 179 -11.15 1.19 20.88
CA ILE D 179 -10.97 -0.21 20.52
C ILE D 179 -10.08 -0.21 19.28
N ARG D 180 -8.80 -0.55 19.47
CA ARG D 180 -7.87 -0.64 18.36
C ARG D 180 -8.07 -1.98 17.65
N VAL D 181 -8.01 -1.93 16.32
CA VAL D 181 -8.17 -3.11 15.50
C VAL D 181 -7.05 -3.11 14.47
N ASN D 182 -6.19 -4.11 14.51
CA ASN D 182 -5.03 -4.20 13.64
C ASN D 182 -4.92 -5.63 13.14
N SER D 183 -4.13 -5.83 12.09
CA SER D 183 -3.98 -7.12 11.45
C SER D 183 -2.51 -7.49 11.31
N LEU D 184 -2.26 -8.79 11.35
CA LEU D 184 -0.96 -9.35 11.04
C LEU D 184 -1.03 -10.06 9.69
N THR D 185 0.02 -9.92 8.89
CA THR D 185 0.14 -10.59 7.60
C THR D 185 1.40 -11.46 7.63
N PRO D 186 1.33 -12.62 8.26
CA PRO D 186 2.51 -13.50 8.30
C PRO D 186 2.87 -14.03 6.92
N GLY D 187 4.16 -14.28 6.74
CA GLY D 187 4.63 -14.95 5.55
C GLY D 187 4.51 -16.46 5.68
N LEU D 188 5.54 -17.20 5.27
CA LEU D 188 5.54 -18.65 5.41
C LEU D 188 6.06 -18.99 6.81
N ILE D 189 5.18 -19.53 7.64
CA ILE D 189 5.48 -19.82 9.04
C ILE D 189 5.56 -21.33 9.22
N GLN D 190 6.47 -21.75 10.11
CA GLN D 190 6.60 -23.16 10.47
C GLN D 190 5.52 -23.51 11.47
N THR D 191 4.52 -24.27 11.03
CA THR D 191 3.45 -24.72 11.91
C THR D 191 3.08 -26.17 11.61
N ARG D 202 9.98 -27.70 -2.11
CA ARG D 202 9.04 -26.60 -2.25
C ARG D 202 9.38 -25.49 -1.25
N ARG D 203 9.74 -25.88 -0.02
CA ARG D 203 10.20 -24.90 0.95
C ARG D 203 11.48 -24.22 0.48
N HIS D 204 12.39 -24.99 -0.12
CA HIS D 204 13.65 -24.42 -0.60
C HIS D 204 13.40 -23.31 -1.61
N ASP D 205 12.46 -23.53 -2.54
CA ASP D 205 12.18 -22.52 -3.55
C ASP D 205 11.66 -21.24 -2.92
N ILE D 206 10.71 -21.36 -2.00
CA ILE D 206 10.18 -20.18 -1.33
C ILE D 206 11.25 -19.53 -0.47
N LEU D 207 12.06 -20.35 0.21
CA LEU D 207 13.12 -19.82 1.06
C LEU D 207 14.09 -18.95 0.27
N ALA D 208 14.28 -19.23 -1.02
CA ALA D 208 15.21 -18.45 -1.83
C ALA D 208 14.74 -17.01 -1.98
N GLY D 209 13.44 -16.76 -1.89
CA GLY D 209 12.90 -15.43 -2.01
C GLY D 209 12.71 -14.68 -0.70
N ILE D 210 13.32 -15.17 0.39
CA ILE D 210 13.18 -14.55 1.69
C ILE D 210 14.52 -13.90 2.06
N PRO D 211 14.61 -12.57 2.09
CA PRO D 211 15.90 -11.94 2.41
C PRO D 211 16.54 -12.40 3.72
N LEU D 212 15.76 -12.62 4.77
CA LEU D 212 16.34 -13.03 6.05
C LEU D 212 16.76 -14.50 6.07
N GLY D 213 16.47 -15.25 5.00
CA GLY D 213 17.08 -16.56 4.84
C GLY D 213 16.53 -17.65 5.73
N ARG D 214 15.31 -17.50 6.23
CA ARG D 214 14.69 -18.54 7.03
C ARG D 214 13.18 -18.38 6.94
N LEU D 215 12.48 -19.44 7.34
CA LEU D 215 11.03 -19.34 7.44
C LEU D 215 10.66 -18.69 8.77
N GLY D 216 9.42 -18.23 8.84
CA GLY D 216 8.92 -17.67 10.08
C GLY D 216 8.64 -18.74 11.10
N LYS D 217 8.63 -18.32 12.36
CA LYS D 217 8.30 -19.18 13.48
C LYS D 217 7.01 -18.68 14.11
N ALA D 218 6.26 -19.60 14.73
CA ALA D 218 5.06 -19.21 15.43
C ALA D 218 5.36 -18.09 16.42
N GLN D 219 6.52 -18.14 17.05
CA GLN D 219 6.90 -17.11 18.02
C GLN D 219 7.07 -15.74 17.38
N ASP D 220 7.50 -15.69 16.11
CA ASP D 220 7.60 -14.41 15.42
C ASP D 220 6.24 -13.75 15.31
N VAL D 221 5.22 -14.52 14.91
CA VAL D 221 3.88 -13.97 14.82
C VAL D 221 3.35 -13.61 16.19
N ALA D 222 3.58 -14.48 17.17
CA ALA D 222 3.13 -14.20 18.54
C ALA D 222 3.72 -12.91 19.07
N ASN D 223 5.00 -12.65 18.77
CA ASN D 223 5.64 -11.44 19.26
C ASN D 223 5.05 -10.19 18.62
N ALA D 224 4.66 -10.28 17.34
CA ALA D 224 3.98 -9.16 16.70
C ALA D 224 2.59 -8.96 17.28
N ALA D 225 1.90 -10.06 17.59
CA ALA D 225 0.61 -9.97 18.26
C ALA D 225 0.76 -9.35 19.63
N LEU D 226 1.83 -9.70 20.34
CA LEU D 226 2.12 -9.10 21.64
C LEU D 226 2.26 -7.59 21.52
N PHE D 227 3.02 -7.14 20.53
CA PHE D 227 3.18 -5.71 20.30
C PHE D 227 1.82 -5.04 20.10
N LEU D 228 0.99 -5.60 19.22
CA LEU D 228 -0.31 -4.99 18.91
C LEU D 228 -1.28 -5.09 20.08
N ALA D 229 -1.16 -6.13 20.91
CA ALA D 229 -2.04 -6.27 22.06
C ALA D 229 -1.63 -5.38 23.22
N SER D 230 -0.37 -4.96 23.27
CA SER D 230 0.19 -4.23 24.40
C SER D 230 0.03 -2.73 24.21
N ASP D 231 0.33 -1.98 25.28
CA ASP D 231 0.31 -0.53 25.20
C ASP D 231 1.46 0.04 24.39
N LEU D 232 2.42 -0.79 23.97
CA LEU D 232 3.47 -0.32 23.08
C LEU D 232 2.91 0.15 21.74
N SER D 233 1.69 -0.25 21.41
CA SER D 233 1.06 0.11 20.14
C SER D 233 -0.21 0.93 20.35
N ALA D 234 -0.26 1.70 21.45
CA ALA D 234 -1.47 2.40 21.85
C ALA D 234 -1.97 3.37 20.78
N TYR D 235 -1.11 3.85 19.88
CA TYR D 235 -1.52 4.79 18.86
C TYR D 235 -1.70 4.13 17.49
N LEU D 236 -1.76 2.81 17.44
CA LEU D 236 -1.90 2.07 16.19
C LEU D 236 -3.31 1.50 16.09
N THR D 237 -4.01 1.87 15.02
CA THR D 237 -5.25 1.20 14.66
C THR D 237 -5.38 1.23 13.15
N GLY D 238 -5.99 0.19 12.60
CA GLY D 238 -6.08 0.05 11.16
C GLY D 238 -4.80 -0.37 10.47
N VAL D 239 -3.80 -0.83 11.24
CA VAL D 239 -2.49 -1.16 10.71
C VAL D 239 -2.50 -2.60 10.20
N THR D 240 -1.78 -2.83 9.11
CA THR D 240 -1.47 -4.17 8.61
C THR D 240 0.03 -4.37 8.81
N LEU D 241 0.40 -5.28 9.69
CA LEU D 241 1.79 -5.47 10.10
C LEU D 241 2.32 -6.76 9.48
N ASP D 242 3.26 -6.60 8.53
CA ASP D 242 3.84 -7.72 7.82
C ASP D 242 4.85 -8.45 8.70
N VAL D 243 4.75 -9.77 8.74
CA VAL D 243 5.70 -10.62 9.45
C VAL D 243 6.18 -11.69 8.48
N ASN D 244 7.02 -11.31 7.53
CA ASN D 244 7.29 -12.17 6.38
C ASN D 244 8.77 -12.28 6.02
N GLY D 245 9.67 -11.72 6.83
CA GLY D 245 11.10 -11.89 6.59
C GLY D 245 11.63 -11.19 5.36
N GLY D 246 10.86 -10.25 4.81
CA GLY D 246 11.21 -9.61 3.56
C GLY D 246 10.69 -10.31 2.33
N MET D 247 9.94 -11.41 2.50
CA MET D 247 9.36 -12.11 1.36
C MET D 247 8.56 -11.14 0.48
N LEU D 248 7.84 -10.23 1.10
CA LEU D 248 7.11 -9.19 0.38
C LEU D 248 7.52 -7.84 0.99
N ILE D 249 8.27 -7.07 0.22
CA ILE D 249 8.60 -5.69 0.54
C ILE D 249 7.82 -4.80 -0.43
N HIS D 250 7.06 -3.86 0.11
CA HIS D 250 6.16 -3.05 -0.69
C HIS D 250 5.87 -1.74 0.02
#